data_8W3W
#
_entry.id   8W3W
#
_cell.length_a   142.720
_cell.length_b   139.260
_cell.length_c   88.040
_cell.angle_alpha   90.00
_cell.angle_beta   124.84
_cell.angle_gamma   90.00
#
_symmetry.space_group_name_H-M   'C 1 2 1'
#
loop_
_entity.id
_entity.type
_entity.pdbx_description
1 polymer 'Interleukin-1 receptor-associated kinase 4'
2 non-polymer 7-methoxy-1-{[(2S)-5-oxopyrrolidin-2-yl]methoxy}isoquinoline-6-carboxamide
3 water water
#
_entity_poly.entity_id   1
_entity_poly.type   'polypeptide(L)'
_entity_poly.pdbx_seq_one_letter_code
;MHHHHHHGGENLYFQGENKSLEVSDTRFHSFSFYELKNVTNNFDERPISVGGNKMGEGGFGVVYKGYVNNTTVAVKKLAA
MVDITTEELKQQFDQEIKVMAKCQHENLVELLGFSSDGDDLCLVYVYMPNGSLLDRLSCLDGTPPLSWHMRCKIAQGAAN
GINFLHENHHIHRDIKSANILLDEAFTAKISDFGLARASEKFAQ(TPO)VM(TPO)(SEP)RIVGTTAYMAPEALRGEIT
PKSDIYSFGVVLLEIITGLPAVDEHREPQLLLDIKEEIEDEEKTIEDYIDKKMNDADSTSVEAMYSVASQCLHEKKNKRP
DIKKVQQLLQEMTAS
;
_entity_poly.pdbx_strand_id   A,B,C,D
#
# COMPACT_ATOMS: atom_id res chain seq x y z
N ASP A 25 -42.42 13.53 18.13
CA ASP A 25 -42.32 14.56 19.16
C ASP A 25 -41.43 14.11 20.35
N THR A 26 -40.11 14.32 20.19
CA THR A 26 -39.06 13.93 21.15
C THR A 26 -38.64 15.10 22.09
N ARG A 27 -37.97 14.77 23.21
CA ARG A 27 -37.32 15.69 24.15
C ARG A 27 -35.87 15.20 24.31
N PHE A 28 -34.88 16.11 24.07
CA PHE A 28 -33.43 15.86 24.02
C PHE A 28 -32.64 16.13 25.30
N HIS A 29 -31.36 15.70 25.36
CA HIS A 29 -30.51 15.97 26.51
C HIS A 29 -30.06 17.44 26.50
N SER A 30 -29.97 18.07 27.68
CA SER A 30 -29.51 19.45 27.79
C SER A 30 -28.11 19.43 28.37
N PHE A 31 -27.11 19.71 27.55
CA PHE A 31 -25.72 19.72 27.99
C PHE A 31 -25.29 21.06 28.47
N SER A 32 -24.30 21.07 29.38
CA SER A 32 -23.68 22.28 29.84
C SER A 32 -22.68 22.69 28.74
N PHE A 33 -22.53 23.99 28.49
CA PHE A 33 -21.58 24.53 27.53
C PHE A 33 -20.17 24.14 27.92
N TYR A 34 -19.85 24.20 29.22
CA TYR A 34 -18.52 23.93 29.73
C TYR A 34 -18.12 22.47 29.59
N GLU A 35 -19.08 21.52 29.65
CA GLU A 35 -18.73 20.11 29.41
C GLU A 35 -18.38 19.94 27.93
N LEU A 36 -19.15 20.59 27.05
CA LEU A 36 -18.88 20.51 25.61
C LEU A 36 -17.56 21.20 25.25
N LYS A 37 -17.22 22.29 25.94
CA LYS A 37 -15.97 23.00 25.75
C LYS A 37 -14.83 22.08 26.20
N ASN A 38 -14.99 21.42 27.35
CA ASN A 38 -14.00 20.51 27.89
C ASN A 38 -13.70 19.30 27.02
N VAL A 39 -14.74 18.58 26.57
CA VAL A 39 -14.56 17.33 25.81
C VAL A 39 -14.11 17.54 24.35
N THR A 40 -14.12 18.77 23.85
CA THR A 40 -13.62 19.11 22.52
C THR A 40 -12.28 19.83 22.58
N ASN A 41 -11.55 19.75 23.74
CA ASN A 41 -10.27 20.41 23.97
C ASN A 41 -10.39 21.92 23.73
N ASN A 42 -11.36 22.55 24.41
CA ASN A 42 -11.66 23.98 24.32
C ASN A 42 -11.98 24.40 22.90
N PHE A 43 -12.82 23.60 22.22
CA PHE A 43 -13.22 23.81 20.83
C PHE A 43 -12.01 24.05 19.92
N ASP A 44 -11.06 23.12 19.97
CA ASP A 44 -9.82 23.15 19.18
C ASP A 44 -10.17 23.18 17.68
N GLU A 45 -10.05 24.35 17.05
CA GLU A 45 -10.38 24.53 15.63
C GLU A 45 -9.37 23.91 14.66
N ARG A 46 -8.27 23.35 15.15
CA ARG A 46 -7.29 22.71 14.29
C ARG A 46 -7.88 21.39 13.81
N PRO A 47 -7.58 20.97 12.56
CA PRO A 47 -8.10 19.68 12.08
C PRO A 47 -7.65 18.50 12.92
N ILE A 48 -8.44 17.43 12.97
CA ILE A 48 -8.10 16.22 13.69
C ILE A 48 -6.77 15.62 13.17
N SER A 49 -6.49 15.77 11.87
CA SER A 49 -5.26 15.28 11.25
C SER A 49 -3.97 15.89 11.84
N VAL A 50 -4.08 17.04 12.55
CA VAL A 50 -2.90 17.65 13.17
C VAL A 50 -3.03 17.75 14.72
N GLY A 51 -3.90 16.95 15.32
CA GLY A 51 -4.04 16.93 16.77
C GLY A 51 -5.15 17.78 17.35
N GLY A 52 -5.95 18.39 16.49
CA GLY A 52 -7.07 19.22 16.93
C GLY A 52 -8.35 18.41 17.07
N ASN A 53 -9.50 19.08 17.03
CA ASN A 53 -10.80 18.42 17.16
C ASN A 53 -11.75 18.74 16.01
N LYS A 54 -11.39 19.61 15.07
CA LYS A 54 -12.29 20.00 14.00
C LYS A 54 -12.44 18.95 12.93
N MET A 55 -13.69 18.53 12.72
CA MET A 55 -14.10 17.55 11.72
C MET A 55 -14.61 18.20 10.44
N GLY A 56 -15.18 19.39 10.56
CA GLY A 56 -15.75 20.09 9.42
C GLY A 56 -16.46 21.37 9.78
N GLU A 57 -17.08 22.00 8.79
CA GLU A 57 -17.76 23.27 9.01
C GLU A 57 -18.74 23.61 7.91
N GLY A 58 -19.64 24.52 8.23
CA GLY A 58 -20.62 25.06 7.31
C GLY A 58 -20.67 26.57 7.41
N GLY A 59 -21.64 27.15 6.71
CA GLY A 59 -21.82 28.59 6.77
C GLY A 59 -22.35 29.07 8.12
N PHE A 60 -22.93 28.14 8.92
CA PHE A 60 -23.52 28.53 10.19
C PHE A 60 -22.82 27.94 11.44
N GLY A 61 -21.73 27.20 11.28
CA GLY A 61 -21.03 26.64 12.43
C GLY A 61 -19.89 25.70 12.13
N VAL A 62 -19.15 25.34 13.19
CA VAL A 62 -18.01 24.43 13.08
C VAL A 62 -18.32 23.17 13.90
N VAL A 63 -18.00 21.99 13.34
CA VAL A 63 -18.24 20.67 13.94
C VAL A 63 -16.96 20.11 14.56
N TYR A 64 -17.03 19.77 15.87
CA TYR A 64 -15.90 19.26 16.63
C TYR A 64 -16.14 17.85 17.11
N LYS A 65 -15.07 17.07 17.21
CA LYS A 65 -15.14 15.73 17.76
C LYS A 65 -15.01 15.89 19.27
N GLY A 66 -15.93 15.25 19.97
CA GLY A 66 -15.99 15.24 21.43
C GLY A 66 -16.16 13.86 22.01
N TYR A 67 -16.06 13.75 23.34
CA TYR A 67 -16.17 12.48 24.02
C TYR A 67 -16.99 12.65 25.28
N VAL A 68 -18.31 12.40 25.23
CA VAL A 68 -19.16 12.57 26.40
C VAL A 68 -19.79 11.23 26.83
N ASN A 69 -19.70 10.89 28.13
CA ASN A 69 -20.25 9.66 28.72
C ASN A 69 -19.65 8.41 28.05
N ASN A 70 -18.32 8.42 27.83
CA ASN A 70 -17.54 7.39 27.11
C ASN A 70 -17.95 7.25 25.62
N THR A 71 -19.01 7.94 25.19
CA THR A 71 -19.49 7.86 23.82
C THR A 71 -18.89 8.99 23.00
N THR A 72 -18.37 8.66 21.80
CA THR A 72 -17.88 9.69 20.90
C THR A 72 -19.09 10.41 20.30
N VAL A 73 -19.05 11.73 20.28
CA VAL A 73 -20.13 12.55 19.75
C VAL A 73 -19.57 13.64 18.80
N ALA A 74 -20.44 14.34 18.07
CA ALA A 74 -20.09 15.49 17.26
C ALA A 74 -20.75 16.69 17.88
N VAL A 75 -20.00 17.78 18.03
CA VAL A 75 -20.52 19.00 18.60
C VAL A 75 -20.47 20.10 17.54
N LYS A 76 -21.63 20.61 17.12
CA LYS A 76 -21.66 21.72 16.17
C LYS A 76 -21.84 22.99 16.99
N LYS A 77 -20.84 23.87 16.98
CA LYS A 77 -20.92 25.13 17.68
C LYS A 77 -21.33 26.19 16.64
N LEU A 78 -22.52 26.76 16.80
CA LEU A 78 -23.05 27.73 15.84
C LEU A 78 -22.30 29.08 15.87
N ALA A 79 -21.98 29.63 14.70
CA ALA A 79 -21.28 30.92 14.57
C ALA A 79 -21.69 31.64 13.28
N ALA A 80 -21.54 32.97 13.25
CA ALA A 80 -21.85 33.75 12.05
C ALA A 80 -20.71 33.70 11.00
N MET A 81 -20.46 32.52 10.41
CA MET A 81 -19.40 32.33 9.40
C MET A 81 -19.68 33.09 8.08
N VAL A 82 -20.97 33.32 7.79
CA VAL A 82 -21.45 34.10 6.64
C VAL A 82 -22.31 35.27 7.21
N ASP A 83 -22.75 36.23 6.37
CA ASP A 83 -23.56 37.35 6.85
C ASP A 83 -24.94 36.90 7.33
N ILE A 84 -25.06 36.72 8.65
CA ILE A 84 -26.29 36.29 9.31
C ILE A 84 -26.35 36.93 10.70
N THR A 85 -27.55 37.28 11.16
CA THR A 85 -27.73 37.91 12.46
C THR A 85 -27.78 36.86 13.61
N THR A 86 -27.70 37.31 14.87
CA THR A 86 -27.77 36.44 16.03
C THR A 86 -29.17 35.83 16.17
N GLU A 87 -30.21 36.64 15.88
CA GLU A 87 -31.60 36.23 15.95
C GLU A 87 -31.90 35.13 14.92
N GLU A 88 -31.40 35.28 13.69
CA GLU A 88 -31.61 34.31 12.62
C GLU A 88 -30.93 32.98 12.95
N LEU A 89 -29.73 33.05 13.54
CA LEU A 89 -28.94 31.91 13.98
C LEU A 89 -29.67 31.14 15.09
N LYS A 90 -30.30 31.88 16.03
CA LYS A 90 -31.09 31.27 17.12
C LYS A 90 -32.34 30.58 16.54
N GLN A 91 -32.94 31.16 15.50
CA GLN A 91 -34.10 30.57 14.84
C GLN A 91 -33.72 29.26 14.17
N GLN A 92 -32.54 29.20 13.54
CA GLN A 92 -32.07 27.99 12.90
C GLN A 92 -31.74 26.90 13.92
N PHE A 93 -31.23 27.29 15.10
CA PHE A 93 -30.92 26.41 16.22
C PHE A 93 -32.25 25.77 16.69
N ASP A 94 -33.27 26.61 16.93
CA ASP A 94 -34.59 26.15 17.37
C ASP A 94 -35.26 25.29 16.33
N GLN A 95 -35.13 25.66 15.04
CA GLN A 95 -35.73 24.92 13.94
C GLN A 95 -35.10 23.54 13.81
N GLU A 96 -33.78 23.44 13.93
CA GLU A 96 -33.09 22.15 13.87
C GLU A 96 -33.61 21.20 14.97
N ILE A 97 -33.73 21.70 16.19
CA ILE A 97 -34.23 20.92 17.32
C ILE A 97 -35.67 20.48 17.09
N LYS A 98 -36.53 21.40 16.61
CA LYS A 98 -37.94 21.14 16.33
C LYS A 98 -38.10 20.07 15.24
N VAL A 99 -37.32 20.15 14.17
CA VAL A 99 -37.38 19.15 13.10
C VAL A 99 -36.85 17.80 13.56
N MET A 100 -35.73 17.79 14.31
CA MET A 100 -35.16 16.56 14.84
C MET A 100 -36.08 15.88 15.85
N ALA A 101 -36.91 16.65 16.56
CA ALA A 101 -37.86 16.05 17.51
C ALA A 101 -38.99 15.33 16.78
N LYS A 102 -39.36 15.80 15.59
CA LYS A 102 -40.45 15.21 14.82
C LYS A 102 -39.97 14.11 13.88
N CYS A 103 -38.75 14.24 13.35
CA CYS A 103 -38.22 13.33 12.35
C CYS A 103 -37.08 12.47 12.82
N GLN A 104 -37.35 11.18 13.02
CA GLN A 104 -36.34 10.20 13.40
C GLN A 104 -36.41 9.08 12.37
N HIS A 105 -35.30 8.81 11.69
CA HIS A 105 -35.25 7.79 10.66
C HIS A 105 -33.80 7.31 10.47
N GLU A 106 -33.67 6.10 9.93
CA GLU A 106 -32.43 5.41 9.61
C GLU A 106 -31.48 6.26 8.75
N ASN A 107 -32.04 7.11 7.88
CA ASN A 107 -31.24 7.93 7.00
C ASN A 107 -31.27 9.41 7.34
N LEU A 108 -31.49 9.74 8.61
CA LEU A 108 -31.39 11.11 9.10
C LEU A 108 -30.43 11.07 10.28
N VAL A 109 -29.48 12.03 10.37
CA VAL A 109 -28.53 12.03 11.49
C VAL A 109 -29.29 12.25 12.80
N GLU A 110 -28.87 11.58 13.87
CA GLU A 110 -29.57 11.66 15.15
C GLU A 110 -28.99 12.75 16.05
N LEU A 111 -29.87 13.63 16.53
CA LEU A 111 -29.50 14.67 17.48
C LEU A 111 -29.61 14.03 18.88
N LEU A 112 -28.56 14.17 19.70
CA LEU A 112 -28.54 13.65 21.06
C LEU A 112 -28.95 14.69 22.08
N GLY A 113 -28.55 15.93 21.80
CA GLY A 113 -28.86 17.03 22.70
C GLY A 113 -28.39 18.36 22.18
N PHE A 114 -28.39 19.34 23.07
CA PHE A 114 -28.03 20.69 22.71
C PHE A 114 -27.49 21.43 23.93
N SER A 115 -26.96 22.63 23.70
CA SER A 115 -26.47 23.46 24.77
C SER A 115 -26.87 24.89 24.46
N SER A 116 -27.61 25.51 25.35
CA SER A 116 -28.07 26.88 25.18
C SER A 116 -27.56 27.83 26.30
N ASP A 117 -26.94 27.30 27.36
CA ASP A 117 -26.33 28.13 28.40
C ASP A 117 -24.93 28.60 27.89
N GLY A 118 -24.32 29.55 28.59
CA GLY A 118 -22.99 30.01 28.23
C GLY A 118 -22.83 30.55 26.82
N ASP A 119 -21.59 30.91 26.51
CA ASP A 119 -21.04 31.59 25.34
C ASP A 119 -21.68 31.26 23.98
N ASP A 120 -21.73 29.99 23.57
CA ASP A 120 -22.26 29.64 22.25
C ASP A 120 -23.38 28.60 22.27
N LEU A 121 -24.19 28.55 21.19
CA LEU A 121 -25.26 27.58 20.99
C LEU A 121 -24.58 26.33 20.38
N CYS A 122 -24.79 25.16 20.99
CA CYS A 122 -24.20 23.92 20.45
C CYS A 122 -25.26 22.89 20.17
N LEU A 123 -25.04 22.05 19.17
CA LEU A 123 -25.93 20.94 18.85
C LEU A 123 -25.07 19.66 18.89
N VAL A 124 -25.48 18.65 19.67
CA VAL A 124 -24.69 17.42 19.81
C VAL A 124 -25.36 16.30 19.05
N TYR A 125 -24.60 15.59 18.21
CA TYR A 125 -25.10 14.52 17.37
C TYR A 125 -24.36 13.22 17.62
N VAL A 126 -24.97 12.12 17.15
CA VAL A 126 -24.31 10.82 17.10
C VAL A 126 -23.08 10.96 16.14
N TYR A 127 -21.93 10.44 16.55
CA TYR A 127 -20.68 10.53 15.79
C TYR A 127 -20.78 9.76 14.47
N MET A 128 -20.38 10.40 13.35
CA MET A 128 -20.38 9.81 12.01
C MET A 128 -18.92 9.63 11.64
N PRO A 129 -18.36 8.43 11.86
CA PRO A 129 -16.91 8.26 11.67
C PRO A 129 -16.38 8.51 10.27
N ASN A 130 -17.22 8.41 9.24
CA ASN A 130 -16.77 8.65 7.87
C ASN A 130 -17.14 10.03 7.34
N GLY A 131 -17.46 10.97 8.23
CA GLY A 131 -17.69 12.36 7.86
C GLY A 131 -18.78 12.60 6.84
N SER A 132 -18.57 13.56 5.94
CA SER A 132 -19.57 13.88 4.94
C SER A 132 -19.27 13.20 3.61
N LEU A 133 -20.31 13.04 2.80
CA LEU A 133 -20.19 12.50 1.46
C LEU A 133 -19.28 13.42 0.62
N LEU A 134 -19.35 14.76 0.82
CA LEU A 134 -18.50 15.70 0.12
C LEU A 134 -17.03 15.37 0.36
N ASP A 135 -16.66 15.19 1.62
CA ASP A 135 -15.27 14.88 1.98
C ASP A 135 -14.82 13.52 1.45
N ARG A 136 -15.71 12.50 1.46
CA ARG A 136 -15.32 11.18 0.96
C ARG A 136 -15.20 11.16 -0.56
N LEU A 137 -16.04 11.94 -1.26
CA LEU A 137 -15.95 12.03 -2.72
C LEU A 137 -14.66 12.72 -3.12
N SER A 138 -14.21 13.71 -2.34
CA SER A 138 -12.96 14.39 -2.65
C SER A 138 -11.74 13.66 -2.05
N CYS A 139 -11.95 12.57 -1.25
CA CYS A 139 -10.89 11.79 -0.61
C CYS A 139 -10.07 12.69 0.30
N LEU A 140 -10.73 13.65 0.97
CA LEU A 140 -10.09 14.59 1.89
C LEU A 140 -9.32 13.83 2.96
N ASP A 141 -8.09 14.28 3.26
CA ASP A 141 -7.20 13.67 4.25
C ASP A 141 -6.66 12.28 3.87
N GLY A 142 -6.81 11.87 2.63
CA GLY A 142 -6.24 10.62 2.14
C GLY A 142 -7.10 9.39 2.33
N THR A 143 -8.41 9.57 2.54
CA THR A 143 -9.31 8.43 2.69
C THR A 143 -9.47 7.74 1.33
N PRO A 144 -9.63 6.40 1.32
CA PRO A 144 -9.77 5.71 0.03
C PRO A 144 -11.05 6.07 -0.68
N PRO A 145 -11.02 6.10 -2.03
CA PRO A 145 -12.24 6.45 -2.78
C PRO A 145 -13.38 5.47 -2.51
N LEU A 146 -14.63 5.97 -2.56
CA LEU A 146 -15.80 5.16 -2.38
C LEU A 146 -16.00 4.29 -3.61
N SER A 147 -16.30 3.00 -3.43
CA SER A 147 -16.58 2.13 -4.59
C SER A 147 -17.94 2.50 -5.19
N TRP A 148 -18.25 2.03 -6.41
CA TRP A 148 -19.55 2.23 -7.02
C TRP A 148 -20.63 1.53 -6.19
N HIS A 149 -20.32 0.35 -5.64
CA HIS A 149 -21.24 -0.38 -4.75
C HIS A 149 -21.62 0.48 -3.54
N MET A 150 -20.64 1.12 -2.87
CA MET A 150 -20.93 1.99 -1.73
C MET A 150 -21.74 3.23 -2.18
N ARG A 151 -21.37 3.83 -3.32
CA ARG A 151 -22.07 5.00 -3.87
C ARG A 151 -23.55 4.71 -4.15
N CYS A 152 -23.86 3.52 -4.66
CA CYS A 152 -25.25 3.15 -4.92
C CYS A 152 -26.03 3.07 -3.61
N LYS A 153 -25.46 2.47 -2.56
CA LYS A 153 -26.12 2.37 -1.26
C LYS A 153 -26.32 3.76 -0.64
N ILE A 154 -25.35 4.65 -0.83
CA ILE A 154 -25.43 6.02 -0.33
C ILE A 154 -26.54 6.78 -1.03
N ALA A 155 -26.65 6.65 -2.36
CA ALA A 155 -27.70 7.33 -3.11
C ALA A 155 -29.08 6.85 -2.68
N GLN A 156 -29.23 5.53 -2.52
CA GLN A 156 -30.49 4.95 -2.09
C GLN A 156 -30.85 5.41 -0.68
N GLY A 157 -29.89 5.39 0.23
CA GLY A 157 -30.10 5.83 1.60
C GLY A 157 -30.48 7.29 1.70
N ALA A 158 -29.78 8.16 0.95
CA ALA A 158 -30.09 9.58 0.94
C ALA A 158 -31.52 9.82 0.39
N ALA A 159 -31.93 9.07 -0.66
CA ALA A 159 -33.27 9.20 -1.21
C ALA A 159 -34.32 8.70 -0.20
N ASN A 160 -34.01 7.66 0.58
CA ASN A 160 -34.93 7.17 1.61
C ASN A 160 -35.11 8.22 2.72
N GLY A 161 -34.05 8.96 3.04
CA GLY A 161 -34.09 10.03 4.05
C GLY A 161 -34.93 11.20 3.58
N ILE A 162 -34.75 11.63 2.30
CA ILE A 162 -35.54 12.71 1.71
C ILE A 162 -37.01 12.28 1.63
N ASN A 163 -37.27 11.01 1.31
CA ASN A 163 -38.63 10.49 1.24
C ASN A 163 -39.31 10.59 2.61
N PHE A 164 -38.59 10.23 3.68
CA PHE A 164 -39.15 10.33 5.02
C PHE A 164 -39.50 11.79 5.36
N LEU A 165 -38.62 12.73 4.99
CA LEU A 165 -38.86 14.16 5.23
C LEU A 165 -40.10 14.62 4.48
N HIS A 166 -40.22 14.30 3.17
CA HIS A 166 -41.36 14.72 2.37
C HIS A 166 -42.68 14.05 2.83
N GLU A 167 -42.61 12.79 3.29
CA GLU A 167 -43.79 12.09 3.85
C GLU A 167 -44.27 12.79 5.12
N ASN A 168 -43.33 13.31 5.92
CA ASN A 168 -43.63 14.04 7.14
C ASN A 168 -43.78 15.57 6.92
N HIS A 169 -44.05 15.96 5.67
CA HIS A 169 -44.32 17.32 5.23
C HIS A 169 -43.24 18.34 5.56
N HIS A 170 -41.98 17.97 5.35
CA HIS A 170 -40.86 18.87 5.56
C HIS A 170 -40.08 19.03 4.27
N ILE A 171 -39.63 20.24 4.02
CA ILE A 171 -38.78 20.56 2.88
C ILE A 171 -37.41 20.88 3.51
N HIS A 172 -36.36 20.19 3.09
CA HIS A 172 -35.03 20.38 3.67
C HIS A 172 -34.43 21.76 3.35
N ARG A 173 -34.45 22.15 2.06
CA ARG A 173 -33.96 23.43 1.51
C ARG A 173 -32.43 23.54 1.40
N ASP A 174 -31.69 22.50 1.82
CA ASP A 174 -30.22 22.55 1.71
C ASP A 174 -29.63 21.18 1.45
N ILE A 175 -30.23 20.44 0.50
CA ILE A 175 -29.72 19.13 0.14
C ILE A 175 -28.43 19.34 -0.62
N LYS A 176 -27.36 18.70 -0.16
CA LYS A 176 -26.05 18.81 -0.78
C LYS A 176 -25.15 17.73 -0.18
N SER A 177 -24.01 17.43 -0.82
CA SER A 177 -23.13 16.36 -0.32
C SER A 177 -22.48 16.70 1.04
N ALA A 178 -22.30 18.00 1.39
CA ALA A 178 -21.79 18.32 2.74
C ALA A 178 -22.85 17.97 3.82
N ASN A 179 -24.14 17.85 3.42
CA ASN A 179 -25.23 17.54 4.32
C ASN A 179 -25.71 16.09 4.21
N ILE A 180 -24.82 15.18 3.73
CA ILE A 180 -25.13 13.77 3.70
C ILE A 180 -23.94 13.17 4.44
N LEU A 181 -24.15 12.69 5.66
CA LEU A 181 -23.06 12.18 6.49
C LEU A 181 -23.00 10.66 6.39
N LEU A 182 -21.88 10.07 6.75
CA LEU A 182 -21.66 8.64 6.57
C LEU A 182 -21.25 7.98 7.89
N ASP A 183 -22.05 7.01 8.34
CA ASP A 183 -21.81 6.39 9.63
C ASP A 183 -20.73 5.24 9.54
N GLU A 184 -20.59 4.44 10.60
CA GLU A 184 -19.62 3.34 10.69
C GLU A 184 -19.82 2.26 9.61
N ALA A 185 -20.96 2.27 8.89
CA ALA A 185 -21.19 1.29 7.81
C ALA A 185 -21.42 2.00 6.47
N PHE A 186 -21.04 3.31 6.38
CA PHE A 186 -21.25 4.18 5.23
C PHE A 186 -22.75 4.31 4.88
N THR A 187 -23.61 4.25 5.88
CA THR A 187 -25.05 4.48 5.68
C THR A 187 -25.21 6.00 5.59
N ALA A 188 -26.02 6.47 4.64
CA ALA A 188 -26.26 7.90 4.43
C ALA A 188 -27.20 8.45 5.48
N LYS A 189 -26.82 9.58 6.08
CA LYS A 189 -27.55 10.26 7.12
C LYS A 189 -27.65 11.73 6.75
N ILE A 190 -28.83 12.17 6.33
CA ILE A 190 -29.06 13.57 6.00
C ILE A 190 -28.91 14.42 7.24
N SER A 191 -28.21 15.54 7.10
CA SER A 191 -27.95 16.42 8.22
C SER A 191 -28.33 17.88 7.87
N ASP A 192 -28.24 18.77 8.87
CA ASP A 192 -28.49 20.20 8.84
C ASP A 192 -29.91 20.55 8.47
N PHE A 193 -30.79 20.57 9.49
CA PHE A 193 -32.20 20.90 9.37
C PHE A 193 -32.55 22.32 9.82
N GLY A 194 -31.55 23.20 9.94
CA GLY A 194 -31.75 24.58 10.39
C GLY A 194 -32.59 25.41 9.46
N LEU A 195 -32.59 25.06 8.16
CA LEU A 195 -33.38 25.74 7.13
C LEU A 195 -34.67 24.98 6.76
N ALA A 196 -34.91 23.79 7.31
CA ALA A 196 -36.09 22.99 6.98
C ALA A 196 -37.40 23.72 7.25
N ARG A 197 -38.39 23.52 6.37
CA ARG A 197 -39.71 24.15 6.51
C ARG A 197 -40.81 23.12 6.49
N ALA A 198 -41.75 23.22 7.44
CA ALA A 198 -42.92 22.34 7.48
C ALA A 198 -44.01 22.94 6.63
N SER A 199 -44.93 22.09 6.11
CA SER A 199 -46.04 22.58 5.30
C SER A 199 -47.21 21.62 5.38
N GLU A 200 -48.34 22.03 6.02
CA GLU A 200 -49.52 21.17 6.13
C GLU A 200 -50.06 20.82 4.72
N LYS A 201 -50.23 21.85 3.86
CA LYS A 201 -50.56 21.58 2.46
C LYS A 201 -49.19 21.38 1.85
N PHE A 202 -48.71 20.14 1.75
CA PHE A 202 -47.37 19.88 1.23
C PHE A 202 -47.19 20.35 -0.20
N ALA A 203 -48.22 20.18 -1.03
CA ALA A 203 -48.23 20.74 -2.38
C ALA A 203 -48.40 22.32 -2.16
N GLN A 204 -49.06 23.12 -3.04
CA GLN A 204 -49.18 24.58 -2.84
C GLN A 204 -47.85 25.25 -2.51
N VAL A 206 -45.33 28.21 -1.86
CA VAL A 206 -45.36 29.53 -1.23
C VAL A 206 -44.02 30.26 -1.50
N MET A 207 -43.96 31.57 -1.24
CA MET A 207 -42.74 32.33 -1.45
C MET A 207 -42.17 32.88 -0.16
N ARG A 210 -36.65 35.72 2.32
CA ARG A 210 -35.27 35.44 2.70
C ARG A 210 -34.84 34.17 1.96
N ILE A 211 -34.20 34.35 0.80
CA ILE A 211 -33.75 33.24 -0.02
C ILE A 211 -32.51 32.60 0.58
N VAL A 212 -32.63 31.34 0.98
CA VAL A 212 -31.51 30.63 1.60
C VAL A 212 -31.23 29.31 0.88
N GLY A 213 -30.02 28.80 1.08
CA GLY A 213 -29.55 27.56 0.47
C GLY A 213 -28.18 27.73 -0.14
N THR A 214 -27.70 26.71 -0.85
CA THR A 214 -26.39 26.72 -1.48
C THR A 214 -26.59 26.84 -2.98
N THR A 215 -26.18 27.98 -3.54
CA THR A 215 -26.36 28.37 -4.94
C THR A 215 -26.11 27.28 -5.98
N ALA A 216 -24.98 26.57 -5.87
CA ALA A 216 -24.57 25.53 -6.83
C ALA A 216 -25.52 24.31 -6.88
N TYR A 217 -26.36 24.14 -5.85
CA TYR A 217 -27.32 23.03 -5.78
C TYR A 217 -28.77 23.48 -5.95
N MET A 218 -29.03 24.80 -5.93
CA MET A 218 -30.40 25.28 -5.92
C MET A 218 -31.13 25.24 -7.23
N ALA A 219 -32.40 24.84 -7.17
CA ALA A 219 -33.31 24.85 -8.31
C ALA A 219 -33.56 26.29 -8.73
N PRO A 220 -33.89 26.53 -10.00
CA PRO A 220 -34.17 27.90 -10.43
C PRO A 220 -35.27 28.59 -9.61
N GLU A 221 -36.36 27.86 -9.30
CA GLU A 221 -37.48 28.47 -8.56
C GLU A 221 -37.09 28.76 -7.10
N ALA A 222 -36.16 27.98 -6.52
CA ALA A 222 -35.66 28.22 -5.16
C ALA A 222 -34.82 29.50 -5.14
N LEU A 223 -34.03 29.75 -6.19
CA LEU A 223 -33.24 30.97 -6.34
C LEU A 223 -34.15 32.22 -6.44
N ARG A 224 -35.42 32.05 -6.85
CA ARG A 224 -36.40 33.12 -6.94
C ARG A 224 -37.25 33.31 -5.70
N GLY A 225 -37.10 32.48 -4.69
CA GLY A 225 -37.86 32.61 -3.46
C GLY A 225 -38.94 31.58 -3.23
N GLU A 226 -39.16 30.66 -4.18
CA GLU A 226 -40.20 29.64 -4.00
C GLU A 226 -39.77 28.58 -3.01
N ILE A 227 -40.72 28.09 -2.21
CA ILE A 227 -40.47 27.02 -1.25
C ILE A 227 -41.36 25.85 -1.65
N THR A 228 -40.73 24.77 -2.11
CA THR A 228 -41.43 23.58 -2.59
C THR A 228 -40.54 22.35 -2.45
N PRO A 229 -41.12 21.18 -2.12
CA PRO A 229 -40.31 19.96 -2.05
C PRO A 229 -39.66 19.59 -3.40
N LYS A 230 -40.18 20.13 -4.52
CA LYS A 230 -39.60 19.89 -5.84
C LYS A 230 -38.18 20.45 -5.95
N SER A 231 -37.84 21.49 -5.14
CA SER A 231 -36.50 22.05 -5.13
C SER A 231 -35.51 21.07 -4.48
N ASP A 232 -35.96 20.30 -3.48
CA ASP A 232 -35.10 19.26 -2.86
C ASP A 232 -34.74 18.20 -3.89
N ILE A 233 -35.67 17.87 -4.81
CA ILE A 233 -35.41 16.88 -5.85
C ILE A 233 -34.31 17.36 -6.79
N TYR A 234 -34.38 18.63 -7.18
CA TYR A 234 -33.36 19.24 -8.06
C TYR A 234 -31.98 19.18 -7.38
N SER A 235 -31.88 19.60 -6.10
CA SER A 235 -30.63 19.56 -5.36
C SER A 235 -30.10 18.14 -5.25
N PHE A 236 -31.00 17.16 -5.05
CA PHE A 236 -30.60 15.75 -5.00
C PHE A 236 -30.00 15.31 -6.35
N GLY A 237 -30.51 15.84 -7.46
CA GLY A 237 -29.97 15.56 -8.79
C GLY A 237 -28.52 16.01 -8.91
N VAL A 238 -28.18 17.17 -8.31
CA VAL A 238 -26.79 17.64 -8.30
C VAL A 238 -25.92 16.68 -7.49
N VAL A 239 -26.43 16.21 -6.32
CA VAL A 239 -25.74 15.23 -5.49
C VAL A 239 -25.45 13.94 -6.27
N LEU A 240 -26.42 13.47 -7.04
CA LEU A 240 -26.23 12.28 -7.87
C LEU A 240 -25.13 12.49 -8.91
N LEU A 241 -25.01 13.71 -9.49
CA LEU A 241 -23.91 14.00 -10.42
C LEU A 241 -22.58 13.98 -9.70
N GLU A 242 -22.51 14.49 -8.45
CA GLU A 242 -21.26 14.45 -7.67
C GLU A 242 -20.88 13.00 -7.39
N ILE A 243 -21.87 12.15 -7.09
CA ILE A 243 -21.61 10.74 -6.81
C ILE A 243 -21.03 10.02 -8.04
N ILE A 244 -21.62 10.28 -9.22
CA ILE A 244 -21.14 9.64 -10.45
C ILE A 244 -19.74 10.10 -10.87
N THR A 245 -19.49 11.41 -10.80
CA THR A 245 -18.28 12.03 -11.33
C THR A 245 -17.15 12.23 -10.33
N GLY A 246 -17.48 12.31 -9.04
CA GLY A 246 -16.51 12.66 -8.01
C GLY A 246 -16.13 14.15 -8.04
N LEU A 247 -16.84 14.97 -8.85
CA LEU A 247 -16.55 16.39 -8.99
C LEU A 247 -17.38 17.22 -8.01
N PRO A 248 -16.80 18.32 -7.50
CA PRO A 248 -17.61 19.22 -6.65
C PRO A 248 -18.66 19.96 -7.47
N ALA A 249 -19.78 20.35 -6.83
CA ALA A 249 -20.87 21.07 -7.49
C ALA A 249 -20.43 22.38 -8.18
N VAL A 250 -19.41 23.03 -7.64
CA VAL A 250 -18.87 24.25 -8.23
C VAL A 250 -17.33 24.25 -8.12
N ASP A 251 -16.66 24.67 -9.19
CA ASP A 251 -15.21 24.78 -9.20
C ASP A 251 -14.93 25.94 -10.13
N GLU A 252 -14.47 27.06 -9.58
CA GLU A 252 -14.25 28.26 -10.39
C GLU A 252 -13.09 28.12 -11.38
N HIS A 253 -12.22 27.13 -11.21
CA HIS A 253 -11.13 26.91 -12.17
C HIS A 253 -11.43 25.74 -13.12
N ARG A 254 -12.70 25.34 -13.25
CA ARG A 254 -13.12 24.25 -14.13
C ARG A 254 -14.08 24.77 -15.22
N GLU A 255 -14.15 24.05 -16.35
CA GLU A 255 -15.09 24.39 -17.40
C GLU A 255 -15.89 23.12 -17.61
N PRO A 256 -17.20 23.09 -17.29
CA PRO A 256 -18.03 24.19 -16.76
C PRO A 256 -17.83 24.35 -15.25
N GLN A 257 -18.00 25.58 -14.77
CA GLN A 257 -17.80 25.87 -13.35
C GLN A 257 -18.85 25.17 -12.50
N LEU A 258 -20.09 25.13 -12.98
CA LEU A 258 -21.18 24.49 -12.26
C LEU A 258 -21.40 23.11 -12.79
N LEU A 259 -21.35 22.10 -11.91
CA LEU A 259 -21.52 20.70 -12.26
C LEU A 259 -22.83 20.44 -13.00
N LEU A 260 -23.89 21.16 -12.60
CA LEU A 260 -25.20 20.98 -13.24
C LEU A 260 -25.19 21.23 -14.75
N ASP A 261 -24.27 22.06 -15.25
CA ASP A 261 -24.17 22.32 -16.69
C ASP A 261 -23.73 21.08 -17.52
N ILE A 262 -23.12 20.06 -16.89
CA ILE A 262 -22.71 18.86 -17.63
C ILE A 262 -23.94 18.12 -18.21
N LYS A 263 -25.14 18.28 -17.60
CA LYS A 263 -26.36 17.67 -18.09
C LYS A 263 -26.66 18.19 -19.51
N GLU A 264 -26.51 19.50 -19.71
CA GLU A 264 -26.74 20.14 -21.01
C GLU A 264 -25.69 19.71 -22.02
N GLU A 265 -24.44 19.53 -21.59
CA GLU A 265 -23.38 19.07 -22.49
C GLU A 265 -23.67 17.66 -22.99
N ILE A 266 -24.22 16.80 -22.12
CA ILE A 266 -24.55 15.42 -22.46
C ILE A 266 -25.81 15.38 -23.34
N GLU A 267 -26.81 16.23 -23.06
CA GLU A 267 -28.03 16.33 -23.88
C GLU A 267 -27.74 16.84 -25.28
N ASP A 268 -26.85 17.82 -25.40
CA ASP A 268 -26.47 18.35 -26.70
C ASP A 268 -25.43 17.48 -27.43
N GLU A 269 -25.19 16.24 -26.93
CA GLU A 269 -24.26 15.24 -27.44
C GLU A 269 -22.82 15.74 -27.59
N GLU A 270 -22.47 16.84 -26.91
CA GLU A 270 -21.10 17.35 -26.90
C GLU A 270 -20.20 16.36 -26.11
N LYS A 271 -20.76 15.74 -25.06
CA LYS A 271 -20.07 14.77 -24.22
C LYS A 271 -21.01 13.61 -23.81
N THR A 272 -20.46 12.55 -23.22
CA THR A 272 -21.24 11.41 -22.71
C THR A 272 -21.04 11.31 -21.19
N ILE A 273 -21.91 10.55 -20.48
CA ILE A 273 -21.71 10.36 -19.04
C ILE A 273 -20.40 9.60 -18.78
N GLU A 274 -19.98 8.72 -19.72
CA GLU A 274 -18.71 7.99 -19.63
C GLU A 274 -17.50 8.93 -19.58
N ASP A 275 -17.56 10.10 -20.26
CA ASP A 275 -16.47 11.07 -20.18
C ASP A 275 -16.35 11.71 -18.79
N TYR A 276 -17.42 11.65 -17.98
CA TYR A 276 -17.44 12.27 -16.67
C TYR A 276 -17.38 11.30 -15.50
N ILE A 277 -17.55 9.97 -15.73
CA ILE A 277 -17.51 8.99 -14.65
C ILE A 277 -16.22 9.11 -13.82
N ASP A 278 -16.33 9.05 -12.49
CA ASP A 278 -15.18 9.14 -11.60
C ASP A 278 -14.20 7.98 -11.92
N LYS A 279 -12.97 8.33 -12.26
CA LYS A 279 -11.96 7.32 -12.54
C LYS A 279 -11.46 6.61 -11.26
N LYS A 280 -11.78 7.14 -10.08
CA LYS A 280 -11.36 6.60 -8.80
C LYS A 280 -12.24 5.44 -8.32
N MET A 281 -12.80 4.68 -9.25
CA MET A 281 -13.61 3.50 -8.95
C MET A 281 -13.13 2.39 -9.87
N ASN A 282 -13.28 1.12 -9.46
CA ASN A 282 -12.94 0.01 -10.35
C ASN A 282 -14.16 -0.91 -10.64
N ASP A 283 -15.30 -0.66 -9.97
CA ASP A 283 -16.46 -1.55 -10.05
C ASP A 283 -17.70 -0.91 -10.64
N ALA A 284 -17.56 0.21 -11.37
CA ALA A 284 -18.73 0.83 -11.99
C ALA A 284 -19.03 0.06 -13.28
N ASP A 285 -20.31 -0.09 -13.59
CA ASP A 285 -20.71 -0.72 -14.84
C ASP A 285 -21.57 0.30 -15.58
N SER A 286 -21.50 0.29 -16.92
CA SER A 286 -22.22 1.26 -17.75
C SER A 286 -23.71 1.29 -17.49
N THR A 287 -24.35 0.14 -17.33
CA THR A 287 -25.79 0.07 -17.14
C THR A 287 -26.27 0.79 -15.89
N SER A 288 -25.70 0.46 -14.72
CA SER A 288 -26.14 1.12 -13.49
C SER A 288 -25.71 2.58 -13.41
N VAL A 289 -24.57 2.94 -14.04
CA VAL A 289 -24.14 4.33 -14.06
C VAL A 289 -25.14 5.15 -14.93
N GLU A 290 -25.56 4.60 -16.08
CA GLU A 290 -26.53 5.27 -16.94
C GLU A 290 -27.90 5.34 -16.26
N ALA A 291 -28.25 4.32 -15.45
CA ALA A 291 -29.50 4.35 -14.69
C ALA A 291 -29.45 5.47 -13.63
N MET A 292 -28.32 5.63 -12.91
CA MET A 292 -28.22 6.71 -11.93
C MET A 292 -28.23 8.08 -12.64
N TYR A 293 -27.54 8.18 -13.80
CA TYR A 293 -27.51 9.43 -14.56
C TYR A 293 -28.91 9.80 -15.03
N SER A 294 -29.70 8.82 -15.47
CA SER A 294 -31.06 9.06 -15.91
C SER A 294 -31.91 9.65 -14.79
N VAL A 295 -31.75 9.15 -13.56
CA VAL A 295 -32.45 9.69 -12.40
C VAL A 295 -32.00 11.13 -12.15
N ALA A 296 -30.68 11.39 -12.17
CA ALA A 296 -30.14 12.73 -11.95
C ALA A 296 -30.67 13.72 -12.99
N SER A 297 -30.73 13.30 -14.25
CA SER A 297 -31.21 14.10 -15.36
C SER A 297 -32.67 14.49 -15.17
N GLN A 298 -33.51 13.55 -14.71
CA GLN A 298 -34.93 13.80 -14.48
C GLN A 298 -35.11 14.77 -13.33
N CYS A 299 -34.31 14.61 -12.25
CA CYS A 299 -34.30 15.50 -11.08
C CYS A 299 -33.93 16.92 -11.48
N LEU A 300 -33.01 17.08 -12.44
CA LEU A 300 -32.52 18.37 -12.88
C LEU A 300 -33.34 19.06 -13.95
N HIS A 301 -34.60 18.62 -14.16
CA HIS A 301 -35.46 19.30 -15.14
C HIS A 301 -35.70 20.74 -14.65
N GLU A 302 -35.47 21.72 -15.54
CA GLU A 302 -35.60 23.12 -15.16
C GLU A 302 -37.01 23.48 -14.70
N LYS A 303 -38.03 22.85 -15.29
CA LYS A 303 -39.43 23.07 -14.90
C LYS A 303 -39.74 22.14 -13.74
N LYS A 304 -40.05 22.71 -12.57
CA LYS A 304 -40.29 21.94 -11.34
C LYS A 304 -41.38 20.86 -11.45
N ASN A 305 -42.44 21.11 -12.21
CA ASN A 305 -43.53 20.15 -12.37
C ASN A 305 -43.18 18.95 -13.26
N LYS A 306 -42.07 19.02 -14.02
CA LYS A 306 -41.62 17.91 -14.85
C LYS A 306 -40.67 16.96 -14.09
N ARG A 307 -40.18 17.35 -12.90
CA ARG A 307 -39.30 16.51 -12.11
C ARG A 307 -40.12 15.39 -11.47
N PRO A 308 -39.51 14.23 -11.25
CA PRO A 308 -40.22 13.16 -10.52
C PRO A 308 -40.35 13.53 -9.03
N ASP A 309 -41.33 12.95 -8.33
CA ASP A 309 -41.40 13.13 -6.89
C ASP A 309 -40.35 12.17 -6.22
N ILE A 310 -40.10 12.34 -4.92
CA ILE A 310 -39.10 11.52 -4.24
C ILE A 310 -39.43 10.02 -4.27
N LYS A 311 -40.72 9.66 -4.30
CA LYS A 311 -41.12 8.26 -4.36
C LYS A 311 -40.64 7.62 -5.66
N LYS A 312 -40.80 8.36 -6.78
CA LYS A 312 -40.35 7.90 -8.09
C LYS A 312 -38.81 7.76 -8.11
N VAL A 313 -38.11 8.73 -7.50
CA VAL A 313 -36.64 8.69 -7.41
C VAL A 313 -36.19 7.44 -6.64
N GLN A 314 -36.83 7.16 -5.49
CA GLN A 314 -36.55 5.99 -4.64
C GLN A 314 -36.70 4.70 -5.45
N GLN A 315 -37.78 4.62 -6.24
CA GLN A 315 -38.12 3.47 -7.06
C GLN A 315 -37.09 3.26 -8.15
N LEU A 316 -36.71 4.34 -8.84
CA LEU A 316 -35.72 4.25 -9.90
C LEU A 316 -34.34 3.84 -9.35
N LEU A 317 -33.96 4.33 -8.16
CA LEU A 317 -32.69 3.96 -7.53
C LEU A 317 -32.69 2.50 -7.07
N GLN A 318 -33.85 1.97 -6.65
CA GLN A 318 -33.95 0.57 -6.24
C GLN A 318 -33.83 -0.32 -7.48
N GLU A 319 -34.52 0.04 -8.57
CA GLU A 319 -34.45 -0.71 -9.83
C GLU A 319 -33.03 -0.73 -10.44
N MET A 320 -32.24 0.31 -10.14
CA MET A 320 -30.87 0.47 -10.61
C MET A 320 -29.99 -0.69 -10.12
N THR A 321 -30.20 -1.18 -8.89
CA THR A 321 -29.39 -2.27 -8.35
C THR A 321 -30.10 -3.62 -8.32
N ALA A 322 -31.36 -3.70 -8.76
CA ALA A 322 -32.12 -4.95 -8.73
C ALA A 322 -31.61 -5.97 -9.76
N SER A 323 -31.69 -7.27 -9.40
CA SER A 323 -31.26 -8.38 -10.26
C SER A 323 -31.91 -9.68 -9.84
N ASP B 25 39.27 8.45 -8.26
CA ASP B 25 38.85 7.09 -7.98
C ASP B 25 39.72 6.00 -8.68
N THR B 26 41.03 6.24 -8.80
CA THR B 26 41.93 5.26 -9.43
C THR B 26 43.09 4.81 -8.51
N ARG B 27 42.95 5.04 -7.19
CA ARG B 27 43.97 4.69 -6.20
C ARG B 27 43.37 4.41 -4.81
N PHE B 28 44.08 3.63 -3.97
CA PHE B 28 43.69 3.32 -2.60
C PHE B 28 44.00 4.51 -1.69
N HIS B 29 42.98 5.14 -1.12
CA HIS B 29 43.17 6.30 -0.28
C HIS B 29 43.52 5.95 1.14
N SER B 30 44.51 6.64 1.70
CA SER B 30 44.84 6.49 3.10
C SER B 30 44.06 7.60 3.82
N PHE B 31 43.02 7.22 4.55
CA PHE B 31 42.19 8.18 5.25
C PHE B 31 42.69 8.45 6.65
N SER B 32 42.41 9.66 7.14
CA SER B 32 42.66 10.04 8.52
C SER B 32 41.51 9.39 9.33
N PHE B 33 41.81 8.89 10.54
CA PHE B 33 40.80 8.30 11.41
C PHE B 33 39.70 9.32 11.74
N TYR B 34 40.09 10.57 11.96
CA TYR B 34 39.16 11.61 12.32
C TYR B 34 38.21 11.98 11.22
N GLU B 35 38.61 11.82 9.94
CA GLU B 35 37.68 12.08 8.85
C GLU B 35 36.60 11.01 8.86
N LEU B 36 36.99 9.73 9.02
CA LEU B 36 36.03 8.64 9.06
C LEU B 36 35.14 8.72 10.30
N LYS B 37 35.70 9.16 11.43
CA LYS B 37 34.94 9.36 12.66
C LYS B 37 33.90 10.45 12.41
N ASN B 38 34.32 11.56 11.78
CA ASN B 38 33.42 12.66 11.45
C ASN B 38 32.28 12.29 10.50
N VAL B 39 32.56 11.61 9.38
CA VAL B 39 31.54 11.29 8.38
C VAL B 39 30.55 10.19 8.79
N THR B 40 30.89 9.39 9.81
CA THR B 40 29.97 8.38 10.33
C THR B 40 29.29 8.85 11.64
N ASN B 41 29.25 10.18 11.90
CA ASN B 41 28.65 10.79 13.09
C ASN B 41 29.23 10.16 14.36
N ASN B 42 30.56 10.18 14.47
CA ASN B 42 31.34 9.63 15.57
C ASN B 42 31.09 8.15 15.75
N PHE B 43 31.07 7.40 14.63
CA PHE B 43 30.81 5.96 14.60
C PHE B 43 29.52 5.61 15.36
N ASP B 44 28.42 6.25 14.95
CA ASP B 44 27.11 6.11 15.56
C ASP B 44 26.61 4.67 15.39
N GLU B 45 26.76 3.85 16.44
CA GLU B 45 26.38 2.44 16.45
C GLU B 45 24.87 2.17 16.38
N ARG B 46 24.04 3.22 16.44
CA ARG B 46 22.61 3.05 16.34
C ARG B 46 22.26 2.73 14.87
N PRO B 47 21.24 1.88 14.63
CA PRO B 47 20.88 1.56 13.24
C PRO B 47 20.46 2.79 12.44
N ILE B 48 20.65 2.74 11.12
CA ILE B 48 20.25 3.83 10.23
C ILE B 48 18.74 4.09 10.33
N SER B 49 17.94 3.02 10.57
CA SER B 49 16.49 3.12 10.71
C SER B 49 16.04 4.01 11.87
N VAL B 50 16.93 4.32 12.83
CA VAL B 50 16.57 5.21 13.93
C VAL B 50 17.48 6.48 14.00
N GLY B 51 18.12 6.84 12.89
CA GLY B 51 18.94 8.06 12.85
C GLY B 51 20.43 7.88 13.08
N GLY B 52 20.88 6.64 13.21
CA GLY B 52 22.29 6.35 13.40
C GLY B 52 23.00 6.07 12.08
N ASN B 53 24.16 5.39 12.13
CA ASN B 53 24.93 5.12 10.92
C ASN B 53 25.22 3.62 10.70
N LYS B 54 24.85 2.75 11.64
CA LYS B 54 25.14 1.32 11.51
C LYS B 54 24.36 0.65 10.37
N MET B 55 25.07 -0.02 9.47
CA MET B 55 24.46 -0.77 8.38
C MET B 55 24.43 -2.27 8.71
N GLY B 56 25.47 -2.75 9.38
CA GLY B 56 25.58 -4.16 9.71
C GLY B 56 26.81 -4.47 10.55
N GLU B 57 27.11 -5.76 10.73
CA GLU B 57 28.29 -6.16 11.50
C GLU B 57 28.65 -7.63 11.29
N GLY B 58 29.84 -7.96 11.74
CA GLY B 58 30.41 -9.30 11.73
C GLY B 58 31.15 -9.59 13.02
N GLY B 59 31.82 -10.73 13.06
CA GLY B 59 32.60 -11.12 14.24
C GLY B 59 33.86 -10.30 14.43
N PHE B 60 34.31 -9.59 13.39
CA PHE B 60 35.54 -8.82 13.45
C PHE B 60 35.35 -7.30 13.32
N GLY B 61 34.12 -6.82 13.18
CA GLY B 61 33.88 -5.38 13.06
C GLY B 61 32.46 -4.96 12.73
N VAL B 62 32.19 -3.63 12.77
CA VAL B 62 30.86 -3.09 12.46
C VAL B 62 30.98 -2.11 11.27
N VAL B 63 29.97 -2.13 10.38
CA VAL B 63 29.97 -1.34 9.15
C VAL B 63 29.07 -0.13 9.29
N TYR B 64 29.61 1.06 9.00
CA TYR B 64 28.89 2.32 9.12
C TYR B 64 28.73 3.02 7.79
N LYS B 65 27.62 3.75 7.63
CA LYS B 65 27.39 4.54 6.44
C LYS B 65 28.11 5.88 6.67
N GLY B 66 28.83 6.33 5.65
CA GLY B 66 29.58 7.58 5.66
C GLY B 66 29.49 8.33 4.35
N TYR B 67 29.99 9.57 4.32
CA TYR B 67 29.98 10.41 3.11
C TYR B 67 31.28 11.16 2.98
N VAL B 68 32.10 10.81 1.98
CA VAL B 68 33.38 11.47 1.71
C VAL B 68 33.36 11.94 0.25
N ASN B 69 33.76 13.20 -0.02
CA ASN B 69 33.79 13.76 -1.39
C ASN B 69 32.40 13.72 -2.07
N ASN B 70 31.32 14.03 -1.33
CA ASN B 70 29.93 13.93 -1.79
C ASN B 70 29.50 12.47 -2.13
N THR B 71 30.44 11.52 -2.10
CA THR B 71 30.21 10.12 -2.42
C THR B 71 29.92 9.31 -1.17
N THR B 72 28.82 8.57 -1.19
CA THR B 72 28.47 7.72 -0.06
C THR B 72 29.45 6.54 0.00
N VAL B 73 29.93 6.20 1.21
CA VAL B 73 30.88 5.08 1.41
C VAL B 73 30.41 4.19 2.59
N ALA B 74 31.03 3.03 2.77
CA ALA B 74 30.81 2.16 3.91
C ALA B 74 32.13 2.08 4.64
N VAL B 75 32.11 2.29 5.94
CA VAL B 75 33.31 2.25 6.78
C VAL B 75 33.22 1.08 7.73
N LYS B 76 34.10 0.10 7.59
CA LYS B 76 34.14 -1.01 8.52
C LYS B 76 35.19 -0.73 9.57
N LYS B 77 34.78 -0.58 10.83
CA LYS B 77 35.72 -0.34 11.92
C LYS B 77 35.94 -1.67 12.63
N LEU B 78 37.18 -2.18 12.60
CA LEU B 78 37.50 -3.48 13.19
C LEU B 78 37.50 -3.46 14.72
N ALA B 79 36.90 -4.51 15.32
CA ALA B 79 36.82 -4.67 16.78
C ALA B 79 36.87 -6.14 17.18
N ALA B 80 37.30 -6.41 18.43
CA ALA B 80 37.43 -7.78 18.95
C ALA B 80 36.08 -8.42 19.26
N THR B 85 44.58 -11.40 20.09
CA THR B 85 43.53 -11.14 19.10
C THR B 85 43.71 -9.78 18.40
N THR B 86 44.45 -8.84 18.99
CA THR B 86 44.71 -7.54 18.37
C THR B 86 45.67 -7.70 17.19
N GLU B 87 46.70 -8.53 17.35
CA GLU B 87 47.64 -8.84 16.28
C GLU B 87 46.97 -9.72 15.20
N GLU B 88 46.03 -10.59 15.60
CA GLU B 88 45.29 -11.41 14.65
C GLU B 88 44.32 -10.54 13.83
N LEU B 89 43.74 -9.51 14.46
CA LEU B 89 42.84 -8.55 13.82
C LEU B 89 43.61 -7.68 12.82
N LYS B 90 44.87 -7.33 13.15
CA LYS B 90 45.77 -6.54 12.28
C LYS B 90 46.16 -7.36 11.05
N GLN B 91 46.38 -8.68 11.23
CA GLN B 91 46.72 -9.56 10.12
C GLN B 91 45.57 -9.66 9.13
N GLN B 92 44.33 -9.72 9.63
CA GLN B 92 43.15 -9.78 8.77
C GLN B 92 42.93 -8.46 8.02
N PHE B 93 43.27 -7.33 8.65
CA PHE B 93 43.20 -6.00 8.06
C PHE B 93 44.19 -5.96 6.88
N ASP B 94 45.45 -6.37 7.12
CA ASP B 94 46.50 -6.40 6.11
C ASP B 94 46.14 -7.36 4.98
N GLN B 95 45.57 -8.52 5.32
CA GLN B 95 45.20 -9.54 4.34
C GLN B 95 44.08 -9.05 3.45
N GLU B 96 43.07 -8.37 4.02
CA GLU B 96 41.98 -7.82 3.23
C GLU B 96 42.51 -6.81 2.19
N ILE B 97 43.41 -5.93 2.61
CA ILE B 97 44.00 -4.93 1.71
C ILE B 97 44.80 -5.60 0.60
N LYS B 98 45.62 -6.59 0.97
CA LYS B 98 46.47 -7.34 0.04
C LYS B 98 45.62 -8.08 -1.01
N VAL B 99 44.55 -8.74 -0.59
CA VAL B 99 43.69 -9.48 -1.50
C VAL B 99 42.87 -8.52 -2.39
N MET B 100 42.40 -7.41 -1.82
CA MET B 100 41.65 -6.41 -2.59
C MET B 100 42.54 -5.71 -3.61
N ALA B 101 43.85 -5.58 -3.35
CA ALA B 101 44.75 -4.96 -4.31
C ALA B 101 44.98 -5.88 -5.53
N LYS B 102 44.94 -7.20 -5.33
CA LYS B 102 45.15 -8.18 -6.38
C LYS B 102 43.90 -8.56 -7.13
N CYS B 103 42.75 -8.63 -6.42
CA CYS B 103 41.49 -9.08 -7.00
C CYS B 103 40.45 -7.98 -7.17
N GLN B 104 40.26 -7.52 -8.41
CA GLN B 104 39.28 -6.52 -8.76
C GLN B 104 38.44 -7.11 -9.85
N HIS B 105 37.14 -7.23 -9.58
CA HIS B 105 36.18 -7.84 -10.49
C HIS B 105 34.77 -7.27 -10.20
N GLU B 106 33.88 -7.32 -11.19
CA GLU B 106 32.52 -6.82 -11.04
C GLU B 106 31.71 -7.53 -9.92
N ASN B 107 32.06 -8.79 -9.58
CA ASN B 107 31.33 -9.49 -8.52
C ASN B 107 32.11 -9.57 -7.21
N LEU B 108 33.05 -8.62 -6.99
CA LEU B 108 33.78 -8.49 -5.73
C LEU B 108 33.59 -7.05 -5.26
N VAL B 109 33.27 -6.83 -3.96
CA VAL B 109 33.08 -5.47 -3.44
C VAL B 109 34.39 -4.68 -3.57
N GLU B 110 34.28 -3.38 -3.88
CA GLU B 110 35.47 -2.57 -4.12
C GLU B 110 35.93 -1.83 -2.86
N LEU B 111 37.21 -2.00 -2.51
CA LEU B 111 37.80 -1.28 -1.39
C LEU B 111 38.29 0.07 -1.97
N LEU B 112 37.97 1.18 -1.31
CA LEU B 112 38.39 2.52 -1.71
C LEU B 112 39.63 2.98 -0.95
N GLY B 113 39.73 2.55 0.30
CA GLY B 113 40.84 2.93 1.16
C GLY B 113 40.78 2.32 2.53
N PHE B 114 41.50 2.92 3.46
CA PHE B 114 41.63 2.40 4.81
C PHE B 114 42.17 3.48 5.75
N SER B 115 42.13 3.21 7.06
CA SER B 115 42.69 4.12 8.05
C SER B 115 43.39 3.27 9.09
N SER B 116 44.64 3.56 9.36
CA SER B 116 45.41 2.83 10.35
C SER B 116 45.87 3.70 11.54
N ASP B 117 45.67 5.05 11.47
CA ASP B 117 45.95 5.94 12.60
C ASP B 117 44.69 5.97 13.52
N GLY B 118 44.82 6.53 14.72
CA GLY B 118 43.73 6.55 15.69
C GLY B 118 43.50 5.20 16.36
N ASP B 119 44.45 4.24 16.13
CA ASP B 119 44.57 2.86 16.62
C ASP B 119 43.42 1.93 16.20
N ASP B 120 42.23 2.47 15.93
CA ASP B 120 41.12 1.64 15.45
C ASP B 120 41.31 1.50 13.95
N LEU B 121 41.27 0.27 13.46
CA LEU B 121 41.48 0.00 12.05
C LEU B 121 40.19 0.19 11.28
N CYS B 122 40.25 0.91 10.16
CA CYS B 122 39.06 1.11 9.33
C CYS B 122 39.32 0.72 7.90
N LEU B 123 38.34 0.10 7.25
CA LEU B 123 38.39 -0.26 5.84
C LEU B 123 37.21 0.46 5.16
N VAL B 124 37.47 1.19 4.08
CA VAL B 124 36.44 2.00 3.42
C VAL B 124 36.11 1.37 2.10
N TYR B 125 34.83 1.12 1.84
CA TYR B 125 34.34 0.47 0.64
C TYR B 125 33.39 1.34 -0.16
N VAL B 126 33.14 0.96 -1.43
CA VAL B 126 32.08 1.53 -2.25
C VAL B 126 30.76 1.15 -1.56
N TYR B 127 29.82 2.08 -1.52
CA TYR B 127 28.56 1.88 -0.85
C TYR B 127 27.68 0.92 -1.65
N MET B 128 27.11 -0.10 -0.97
CA MET B 128 26.21 -1.08 -1.54
C MET B 128 24.84 -0.73 -0.97
N PRO B 129 24.03 0.04 -1.72
CA PRO B 129 22.75 0.48 -1.16
C PRO B 129 21.78 -0.61 -0.78
N ASN B 130 21.92 -1.83 -1.34
CA ASN B 130 20.99 -2.90 -0.97
C ASN B 130 21.57 -3.90 0.08
N GLY B 131 22.61 -3.49 0.78
CA GLY B 131 23.14 -4.24 1.89
C GLY B 131 23.58 -5.64 1.57
N SER B 132 23.30 -6.58 2.47
CA SER B 132 23.73 -7.96 2.26
C SER B 132 22.59 -8.86 1.78
N LEU B 133 22.93 -9.96 1.12
CA LEU B 133 21.96 -10.96 0.67
C LEU B 133 21.26 -11.56 1.90
N LEU B 134 21.99 -11.74 3.03
CA LEU B 134 21.37 -12.24 4.28
C LEU B 134 20.23 -11.29 4.71
N ASP B 135 20.49 -9.99 4.70
CA ASP B 135 19.50 -9.00 5.13
C ASP B 135 18.31 -8.96 4.18
N ARG B 136 18.57 -9.06 2.87
CA ARG B 136 17.46 -9.03 1.91
C ARG B 136 16.61 -10.29 1.94
N LEU B 137 17.25 -11.45 2.20
CA LEU B 137 16.50 -12.71 2.34
C LEU B 137 15.64 -12.68 3.59
N SER B 138 16.09 -12.00 4.66
CA SER B 138 15.28 -11.88 5.88
C SER B 138 14.32 -10.68 5.83
N CYS B 139 14.37 -9.85 4.76
CA CYS B 139 13.55 -8.64 4.59
C CYS B 139 13.75 -7.64 5.71
N LEU B 140 14.98 -7.58 6.23
CA LEU B 140 15.35 -6.68 7.32
C LEU B 140 14.98 -5.23 6.97
N ASP B 141 14.39 -4.51 7.95
CA ASP B 141 14.00 -3.12 7.79
C ASP B 141 12.83 -2.88 6.82
N GLY B 142 12.10 -3.93 6.48
CA GLY B 142 10.90 -3.78 5.67
C GLY B 142 11.10 -3.80 4.17
N THR B 143 12.25 -4.26 3.71
CA THR B 143 12.49 -4.36 2.28
C THR B 143 11.61 -5.47 1.68
N PRO B 144 11.11 -5.28 0.46
CA PRO B 144 10.27 -6.34 -0.15
C PRO B 144 11.08 -7.59 -0.42
N PRO B 145 10.46 -8.77 -0.34
CA PRO B 145 11.20 -10.01 -0.64
C PRO B 145 11.79 -10.02 -2.05
N LEU B 146 12.94 -10.66 -2.21
CA LEU B 146 13.59 -10.77 -3.51
C LEU B 146 12.78 -11.75 -4.36
N SER B 147 12.55 -11.41 -5.64
CA SER B 147 11.86 -12.33 -6.53
C SER B 147 12.80 -13.49 -6.88
N TRP B 148 12.24 -14.60 -7.41
CA TRP B 148 13.03 -15.72 -7.88
C TRP B 148 13.95 -15.26 -9.03
N HIS B 149 13.45 -14.36 -9.90
CA HIS B 149 14.26 -13.80 -10.99
C HIS B 149 15.50 -13.09 -10.43
N MET B 150 15.34 -12.23 -9.40
CA MET B 150 16.49 -11.55 -8.81
C MET B 150 17.44 -12.55 -8.13
N ARG B 151 16.89 -13.55 -7.43
CA ARG B 151 17.68 -14.59 -6.75
C ARG B 151 18.56 -15.37 -7.73
N CYS B 152 18.03 -15.67 -8.93
CA CYS B 152 18.82 -16.39 -9.94
C CYS B 152 20.01 -15.52 -10.40
N LYS B 153 19.79 -14.23 -10.63
CA LYS B 153 20.87 -13.30 -11.05
C LYS B 153 21.91 -13.17 -9.94
N ILE B 154 21.46 -13.12 -8.68
CA ILE B 154 22.39 -13.02 -7.56
C ILE B 154 23.24 -14.30 -7.43
N ALA B 155 22.63 -15.48 -7.61
CA ALA B 155 23.38 -16.74 -7.51
C ALA B 155 24.44 -16.80 -8.63
N GLN B 156 24.08 -16.37 -9.84
CA GLN B 156 24.99 -16.36 -10.98
C GLN B 156 26.15 -15.39 -10.73
N GLY B 157 25.84 -14.20 -10.25
CA GLY B 157 26.86 -13.19 -9.94
C GLY B 157 27.81 -13.62 -8.85
N ALA B 158 27.28 -14.23 -7.78
CA ALA B 158 28.12 -14.73 -6.69
C ALA B 158 29.06 -15.85 -7.19
N ALA B 159 28.56 -16.73 -8.07
CA ALA B 159 29.38 -17.80 -8.63
C ALA B 159 30.48 -17.20 -9.55
N ASN B 160 30.16 -16.13 -10.29
CA ASN B 160 31.16 -15.47 -11.12
C ASN B 160 32.29 -14.85 -10.28
N GLY B 161 31.94 -14.32 -9.11
CA GLY B 161 32.91 -13.74 -8.19
C GLY B 161 33.81 -14.79 -7.57
N ILE B 162 33.23 -15.93 -7.13
CA ILE B 162 34.02 -17.04 -6.59
C ILE B 162 34.94 -17.61 -7.68
N ASN B 163 34.45 -17.67 -8.94
CA ASN B 163 35.26 -18.15 -10.04
C ASN B 163 36.48 -17.25 -10.25
N PHE B 164 36.28 -15.92 -10.18
CA PHE B 164 37.41 -15.00 -10.34
C PHE B 164 38.46 -15.22 -9.23
N LEU B 165 38.00 -15.46 -8.00
CA LEU B 165 38.89 -15.70 -6.86
C LEU B 165 39.69 -16.99 -7.08
N HIS B 166 39.00 -18.09 -7.46
CA HIS B 166 39.67 -19.38 -7.68
C HIS B 166 40.63 -19.34 -8.89
N GLU B 167 40.28 -18.57 -9.95
CA GLU B 167 41.16 -18.39 -11.13
C GLU B 167 42.44 -17.66 -10.70
N ASN B 168 42.32 -16.72 -9.77
CA ASN B 168 43.45 -15.96 -9.24
C ASN B 168 44.09 -16.62 -7.99
N HIS B 169 43.84 -17.91 -7.80
CA HIS B 169 44.39 -18.78 -6.76
C HIS B 169 44.15 -18.31 -5.35
N HIS B 170 42.94 -17.85 -5.07
CA HIS B 170 42.57 -17.44 -3.73
C HIS B 170 41.41 -18.30 -3.23
N ILE B 171 41.45 -18.65 -1.96
CA ILE B 171 40.39 -19.38 -1.29
C ILE B 171 39.78 -18.35 -0.33
N HIS B 172 38.48 -18.11 -0.42
CA HIS B 172 37.81 -17.10 0.41
C HIS B 172 37.76 -17.50 1.89
N ARG B 173 37.31 -18.75 2.16
CA ARG B 173 37.21 -19.37 3.50
C ARG B 173 36.03 -18.87 4.33
N ASP B 174 35.20 -17.93 3.82
CA ASP B 174 34.05 -17.45 4.57
C ASP B 174 32.89 -17.09 3.65
N ILE B 175 32.59 -17.96 2.67
CA ILE B 175 31.47 -17.72 1.76
C ILE B 175 30.20 -17.93 2.55
N LYS B 176 29.34 -16.91 2.54
CA LYS B 176 28.07 -16.93 3.27
C LYS B 176 27.22 -15.76 2.79
N SER B 177 25.91 -15.77 3.08
CA SER B 177 25.03 -14.71 2.58
C SER B 177 25.30 -13.32 3.20
N ALA B 178 25.86 -13.25 4.41
CA ALA B 178 26.25 -11.96 5.00
C ALA B 178 27.46 -11.37 4.22
N ASN B 179 28.22 -12.22 3.48
CA ASN B 179 29.37 -11.81 2.68
C ASN B 179 29.07 -11.75 1.19
N ILE B 180 27.79 -11.55 0.82
CA ILE B 180 27.40 -11.34 -0.56
C ILE B 180 26.62 -10.04 -0.49
N LEU B 181 27.19 -8.95 -1.00
CA LEU B 181 26.55 -7.64 -0.93
C LEU B 181 25.84 -7.31 -2.23
N LEU B 182 24.92 -6.36 -2.19
CA LEU B 182 24.07 -6.05 -3.33
C LEU B 182 24.11 -4.58 -3.64
N ASP B 183 24.53 -4.26 -4.86
CA ASP B 183 24.70 -2.89 -5.25
C ASP B 183 23.32 -2.26 -5.74
N GLU B 184 23.42 -1.08 -6.34
CA GLU B 184 22.30 -0.28 -6.88
CA GLU B 184 22.30 -0.28 -6.88
C GLU B 184 21.49 -1.01 -7.96
N ALA B 185 21.98 -2.11 -8.52
CA ALA B 185 21.25 -2.91 -9.51
C ALA B 185 21.04 -4.37 -9.00
N PHE B 186 21.25 -4.64 -7.69
CA PHE B 186 21.22 -5.97 -7.07
C PHE B 186 22.25 -6.92 -7.68
N THR B 187 23.38 -6.38 -8.14
CA THR B 187 24.50 -7.18 -8.61
C THR B 187 25.19 -7.72 -7.36
N ALA B 188 25.52 -9.02 -7.35
CA ALA B 188 26.20 -9.66 -6.21
C ALA B 188 27.67 -9.27 -6.13
N LYS B 189 28.15 -8.92 -4.95
CA LYS B 189 29.52 -8.55 -4.70
C LYS B 189 30.01 -9.33 -3.49
N ILE B 190 30.95 -10.27 -3.67
CA ILE B 190 31.51 -11.02 -2.56
C ILE B 190 32.33 -10.05 -1.70
N SER B 191 32.18 -10.15 -0.38
CA SER B 191 32.90 -9.29 0.54
C SER B 191 33.66 -10.11 1.63
N ASP B 192 34.43 -9.40 2.47
CA ASP B 192 35.19 -9.90 3.61
C ASP B 192 36.27 -10.90 3.21
N PHE B 193 37.42 -10.37 2.84
CA PHE B 193 38.61 -11.12 2.42
C PHE B 193 39.69 -11.24 3.51
N GLY B 194 39.32 -10.94 4.77
CA GLY B 194 40.27 -10.98 5.89
C GLY B 194 40.81 -12.37 6.17
N LEU B 195 40.05 -13.41 5.82
CA LEU B 195 40.46 -14.83 6.00
C LEU B 195 40.96 -15.48 4.71
N ALA B 196 40.90 -14.78 3.56
CA ALA B 196 41.32 -15.34 2.28
C ALA B 196 42.76 -15.82 2.28
N ARG B 197 43.03 -16.93 1.59
CA ARG B 197 44.36 -17.52 1.49
C ARG B 197 44.77 -17.72 0.04
N ALA B 198 45.99 -17.32 -0.30
CA ALA B 198 46.53 -17.55 -1.64
C ALA B 198 47.09 -18.97 -1.74
N SER B 199 47.00 -19.54 -2.96
CA SER B 199 47.39 -20.87 -3.42
C SER B 199 46.45 -21.94 -2.89
N VAL B 206 46.33 -28.21 1.89
CA VAL B 206 47.21 -28.06 3.05
C VAL B 206 46.35 -27.97 4.33
N MET B 207 46.98 -28.12 5.51
CA MET B 207 46.25 -28.00 6.77
C MET B 207 46.68 -26.80 7.58
N ARG B 210 44.85 -23.09 12.81
CA ARG B 210 43.87 -22.10 13.24
C ARG B 210 42.64 -22.24 12.35
N ILE B 211 41.67 -23.03 12.81
CA ILE B 211 40.45 -23.27 12.06
C ILE B 211 39.53 -22.07 12.13
N VAL B 212 39.26 -21.44 10.98
CA VAL B 212 38.42 -20.25 10.94
C VAL B 212 37.30 -20.42 9.89
N GLY B 213 36.27 -19.61 10.02
CA GLY B 213 35.10 -19.63 9.15
C GLY B 213 33.81 -19.62 9.95
N THR B 214 32.68 -19.74 9.27
CA THR B 214 31.38 -19.75 9.93
C THR B 214 30.85 -21.18 9.91
N THR B 215 30.77 -21.81 11.09
CA THR B 215 30.39 -23.21 11.30
C THR B 215 29.22 -23.72 10.44
N ALA B 216 28.11 -22.98 10.38
CA ALA B 216 26.91 -23.39 9.66
C ALA B 216 27.10 -23.51 8.14
N TYR B 217 28.15 -22.91 7.59
CA TYR B 217 28.44 -22.95 6.16
C TYR B 217 29.67 -23.83 5.83
N MET B 218 30.42 -24.28 6.84
CA MET B 218 31.67 -24.97 6.61
C MET B 218 31.57 -26.40 6.16
N ALA B 219 32.42 -26.76 5.20
CA ALA B 219 32.57 -28.13 4.73
C ALA B 219 33.15 -29.00 5.84
N PRO B 220 32.89 -30.32 5.85
CA PRO B 220 33.50 -31.16 6.89
C PRO B 220 35.02 -31.08 6.95
N GLU B 221 35.71 -31.06 5.79
CA GLU B 221 37.18 -31.03 5.79
C GLU B 221 37.70 -29.66 6.27
N ALA B 222 36.94 -28.58 6.09
CA ALA B 222 37.31 -27.24 6.58
C ALA B 222 37.21 -27.21 8.10
N LEU B 223 36.18 -27.87 8.68
CA LEU B 223 36.02 -28.00 10.13
C LEU B 223 37.18 -28.81 10.76
N ARG B 224 37.89 -29.62 9.96
CA ARG B 224 39.04 -30.41 10.41
C ARG B 224 40.38 -29.72 10.19
N GLY B 225 40.41 -28.54 9.58
CA GLY B 225 41.66 -27.84 9.37
C GLY B 225 42.17 -27.80 7.95
N GLU B 226 41.50 -28.48 7.00
CA GLU B 226 41.96 -28.45 5.61
C GLU B 226 41.67 -27.11 4.96
N ILE B 227 42.58 -26.67 4.07
CA ILE B 227 42.41 -25.43 3.33
C ILE B 227 42.39 -25.80 1.85
N THR B 228 41.23 -25.67 1.21
CA THR B 228 41.05 -26.04 -0.19
C THR B 228 39.91 -25.23 -0.81
N PRO B 229 40.04 -24.87 -2.10
CA PRO B 229 38.93 -24.15 -2.76
C PRO B 229 37.64 -24.98 -2.81
N LYS B 230 37.73 -26.31 -2.65
CA LYS B 230 36.55 -27.19 -2.61
C LYS B 230 35.63 -26.87 -1.42
N SER B 231 36.18 -26.30 -0.34
CA SER B 231 35.39 -25.90 0.82
C SER B 231 34.54 -24.67 0.48
N ASP B 232 35.05 -23.75 -0.38
CA ASP B 232 34.25 -22.60 -0.82
C ASP B 232 33.03 -23.06 -1.61
N ILE B 233 33.16 -24.15 -2.40
CA ILE B 233 32.05 -24.72 -3.16
C ILE B 233 30.96 -25.23 -2.22
N TYR B 234 31.35 -25.92 -1.15
CA TYR B 234 30.41 -26.44 -0.15
C TYR B 234 29.65 -25.28 0.49
N SER B 235 30.36 -24.23 0.92
CA SER B 235 29.73 -23.05 1.54
C SER B 235 28.77 -22.38 0.56
N PHE B 236 29.15 -22.32 -0.72
CA PHE B 236 28.26 -21.76 -1.74
C PHE B 236 26.97 -22.58 -1.88
N GLY B 237 27.06 -23.90 -1.68
CA GLY B 237 25.89 -24.79 -1.69
C GLY B 237 24.91 -24.42 -0.58
N VAL B 238 25.42 -24.06 0.61
CA VAL B 238 24.57 -23.61 1.71
C VAL B 238 23.88 -22.29 1.33
N VAL B 239 24.63 -21.36 0.70
CA VAL B 239 24.08 -20.09 0.21
C VAL B 239 22.94 -20.34 -0.77
N LEU B 240 23.10 -21.32 -1.67
CA LEU B 240 22.04 -21.64 -2.63
C LEU B 240 20.79 -22.14 -1.90
N LEU B 241 20.95 -22.89 -0.79
CA LEU B 241 19.79 -23.33 -0.01
C LEU B 241 19.11 -22.15 0.65
N GLU B 242 19.89 -21.17 1.14
CA GLU B 242 19.30 -19.96 1.73
C GLU B 242 18.51 -19.18 0.68
N ILE B 243 19.04 -19.12 -0.55
CA ILE B 243 18.36 -18.41 -1.64
C ILE B 243 17.02 -19.08 -1.98
N ILE B 244 17.01 -20.42 -2.07
CA ILE B 244 15.78 -21.14 -2.37
C ILE B 244 14.71 -21.03 -1.28
N THR B 245 15.13 -21.21 -0.02
CA THR B 245 14.22 -21.28 1.11
C THR B 245 13.93 -20.00 1.84
N GLY B 246 14.82 -19.01 1.74
CA GLY B 246 14.74 -17.78 2.51
C GLY B 246 15.09 -17.98 3.98
N LEU B 247 15.58 -19.18 4.34
CA LEU B 247 15.90 -19.51 5.71
C LEU B 247 17.38 -19.27 6.00
N PRO B 248 17.71 -18.75 7.19
CA PRO B 248 19.12 -18.59 7.55
C PRO B 248 19.80 -19.97 7.72
N ALA B 249 21.10 -20.04 7.48
CA ALA B 249 21.89 -21.28 7.59
C ALA B 249 21.78 -21.91 8.95
N VAL B 250 21.63 -21.10 10.00
CA VAL B 250 21.46 -21.61 11.36
C VAL B 250 20.38 -20.80 12.08
N ASP B 251 19.49 -21.46 12.79
CA ASP B 251 18.46 -20.78 13.57
C ASP B 251 18.26 -21.68 14.76
N GLU B 252 18.71 -21.22 15.94
CA GLU B 252 18.62 -22.01 17.15
C GLU B 252 17.19 -22.27 17.62
N HIS B 253 16.21 -21.50 17.14
CA HIS B 253 14.81 -21.74 17.50
C HIS B 253 14.05 -22.46 16.38
N ARG B 254 14.75 -23.17 15.47
CA ARG B 254 14.14 -23.90 14.36
C ARG B 254 14.51 -25.38 14.38
N GLU B 255 13.71 -26.24 13.73
CA GLU B 255 13.99 -27.65 13.58
C GLU B 255 13.92 -27.94 12.09
N PRO B 256 15.04 -28.30 11.41
CA PRO B 256 16.40 -28.48 11.94
C PRO B 256 17.10 -27.14 12.18
N GLN B 257 18.00 -27.08 13.18
CA GLN B 257 18.70 -25.83 13.47
C GLN B 257 19.61 -25.45 12.32
N LEU B 258 20.25 -26.42 11.68
CA LEU B 258 21.16 -26.19 10.56
C LEU B 258 20.44 -26.47 9.26
N LEU B 259 20.41 -25.48 8.37
CA LEU B 259 19.76 -25.56 7.07
C LEU B 259 20.30 -26.72 6.22
N LEU B 260 21.60 -26.96 6.31
CA LEU B 260 22.33 -28.02 5.63
C LEU B 260 21.62 -29.39 5.80
N ASP B 261 20.98 -29.62 6.97
CA ASP B 261 20.26 -30.86 7.25
C ASP B 261 19.05 -31.11 6.34
N ILE B 262 18.52 -30.08 5.63
CA ILE B 262 17.36 -30.30 4.76
C ILE B 262 17.72 -31.15 3.53
N LYS B 263 19.00 -31.15 3.10
CA LYS B 263 19.42 -31.98 1.98
C LYS B 263 19.23 -33.47 2.34
N GLU B 264 19.49 -33.84 3.61
CA GLU B 264 19.30 -35.20 4.09
C GLU B 264 17.83 -35.53 4.21
N GLU B 265 17.00 -34.59 4.69
CA GLU B 265 15.56 -34.79 4.78
C GLU B 265 14.95 -35.02 3.40
N ILE B 266 15.44 -34.30 2.38
CA ILE B 266 14.96 -34.42 1.00
C ILE B 266 15.46 -35.72 0.36
N GLU B 267 16.72 -36.11 0.62
CA GLU B 267 17.29 -37.36 0.12
C GLU B 267 16.60 -38.59 0.71
N ASP B 268 16.27 -38.52 2.00
CA ASP B 268 15.57 -39.63 2.66
C ASP B 268 14.06 -39.61 2.42
N GLU B 269 13.57 -38.81 1.44
CA GLU B 269 12.17 -38.63 1.06
C GLU B 269 11.24 -38.27 2.21
N GLU B 270 11.79 -37.74 3.30
CA GLU B 270 10.97 -37.26 4.42
C GLU B 270 10.27 -35.96 3.99
N LYS B 271 10.93 -35.13 3.16
CA LYS B 271 10.41 -33.88 2.63
C LYS B 271 10.84 -33.67 1.16
N THR B 272 10.28 -32.66 0.49
CA THR B 272 10.63 -32.31 -0.89
C THR B 272 11.19 -30.86 -0.90
N ILE B 273 11.88 -30.44 -1.99
CA ILE B 273 12.35 -29.06 -2.07
C ILE B 273 11.15 -28.09 -2.10
N GLU B 274 10.01 -28.51 -2.64
CA GLU B 274 8.78 -27.73 -2.66
C GLU B 274 8.27 -27.40 -1.27
N ASP B 275 8.48 -28.29 -0.28
CA ASP B 275 8.08 -27.99 1.11
C ASP B 275 8.96 -26.88 1.73
N TYR B 276 10.15 -26.64 1.17
CA TYR B 276 11.07 -25.67 1.72
C TYR B 276 11.19 -24.39 0.90
N ILE B 277 10.65 -24.34 -0.34
CA ILE B 277 10.73 -23.13 -1.17
C ILE B 277 10.18 -21.91 -0.41
N ASP B 278 10.87 -20.78 -0.48
CA ASP B 278 10.46 -19.56 0.20
C ASP B 278 9.05 -19.16 -0.26
N LYS B 279 8.10 -19.08 0.68
CA LYS B 279 6.74 -18.68 0.35
C LYS B 279 6.61 -17.18 0.04
N LYS B 280 7.65 -16.38 0.34
CA LYS B 280 7.70 -14.95 0.06
C LYS B 280 8.10 -14.63 -1.40
N MET B 281 7.85 -15.56 -2.32
CA MET B 281 8.07 -15.33 -3.75
C MET B 281 6.78 -15.67 -4.45
N ASN B 282 6.53 -15.10 -5.61
CA ASN B 282 5.37 -15.45 -6.41
C ASN B 282 5.78 -15.98 -7.80
N ASP B 283 7.07 -15.91 -8.17
CA ASP B 283 7.53 -16.22 -9.53
C ASP B 283 8.48 -17.40 -9.63
N ALA B 284 8.53 -18.25 -8.59
CA ALA B 284 9.39 -19.42 -8.67
C ALA B 284 8.68 -20.49 -9.51
N ASP B 285 9.44 -21.22 -10.29
CA ASP B 285 8.90 -22.32 -11.08
C ASP B 285 9.65 -23.58 -10.67
N SER B 286 8.96 -24.71 -10.69
CA SER B 286 9.53 -25.99 -10.28
C SER B 286 10.81 -26.36 -11.00
N THR B 287 10.86 -26.16 -12.32
CA THR B 287 12.02 -26.54 -13.11
C THR B 287 13.30 -25.83 -12.69
N SER B 288 13.30 -24.49 -12.66
CA SER B 288 14.50 -23.75 -12.28
C SER B 288 14.82 -23.89 -10.80
N VAL B 289 13.82 -24.07 -9.92
CA VAL B 289 14.07 -24.29 -8.49
C VAL B 289 14.76 -25.66 -8.31
N GLU B 290 14.31 -26.69 -9.04
CA GLU B 290 14.92 -28.02 -8.96
C GLU B 290 16.33 -27.98 -9.57
N ALA B 291 16.54 -27.16 -10.62
CA ALA B 291 17.87 -26.99 -11.20
C ALA B 291 18.81 -26.33 -10.18
N MET B 292 18.37 -25.27 -9.46
CA MET B 292 19.22 -24.65 -8.45
C MET B 292 19.47 -25.62 -7.28
N TYR B 293 18.44 -26.38 -6.88
CA TYR B 293 18.59 -27.35 -5.80
C TYR B 293 19.60 -28.43 -6.18
N SER B 294 19.57 -28.89 -7.43
CA SER B 294 20.50 -29.89 -7.92
C SER B 294 21.94 -29.38 -7.84
N VAL B 295 22.18 -28.10 -8.16
CA VAL B 295 23.51 -27.50 -8.04
C VAL B 295 23.91 -27.46 -6.56
N ALA B 296 23.02 -26.98 -5.68
CA ALA B 296 23.32 -26.93 -4.23
C ALA B 296 23.64 -28.33 -3.68
N SER B 297 22.89 -29.34 -4.09
CA SER B 297 23.07 -30.72 -3.66
C SER B 297 24.44 -31.25 -4.07
N GLN B 298 24.89 -30.94 -5.30
CA GLN B 298 26.20 -31.35 -5.80
C GLN B 298 27.32 -30.64 -5.02
N CYS B 299 27.15 -29.34 -4.75
CA CYS B 299 28.08 -28.54 -3.96
C CYS B 299 28.22 -29.09 -2.55
N LEU B 300 27.13 -29.61 -1.98
CA LEU B 300 27.09 -30.13 -0.62
C LEU B 300 27.49 -31.58 -0.47
N HIS B 301 28.18 -32.16 -1.48
CA HIS B 301 28.66 -33.53 -1.36
C HIS B 301 29.68 -33.59 -0.21
N GLU B 302 29.52 -34.52 0.71
CA GLU B 302 30.40 -34.65 1.87
C GLU B 302 31.85 -34.91 1.49
N LYS B 303 32.08 -35.66 0.41
CA LYS B 303 33.42 -35.93 -0.09
C LYS B 303 33.82 -34.77 -1.02
N LYS B 304 34.85 -34.01 -0.64
CA LYS B 304 35.28 -32.83 -1.38
C LYS B 304 35.62 -33.08 -2.85
N ASN B 305 36.18 -34.26 -3.18
CA ASN B 305 36.54 -34.57 -4.56
C ASN B 305 35.34 -34.90 -5.46
N LYS B 306 34.16 -35.12 -4.89
CA LYS B 306 32.95 -35.38 -5.67
C LYS B 306 32.17 -34.07 -5.97
N ARG B 307 32.53 -32.94 -5.35
CA ARG B 307 31.88 -31.67 -5.60
C ARG B 307 32.35 -31.14 -6.96
N PRO B 308 31.46 -30.41 -7.65
CA PRO B 308 31.91 -29.79 -8.90
C PRO B 308 32.85 -28.62 -8.61
N ASP B 309 33.71 -28.26 -9.57
CA ASP B 309 34.54 -27.07 -9.41
C ASP B 309 33.66 -25.81 -9.69
N ILE B 310 34.15 -24.61 -9.37
CA ILE B 310 33.36 -23.39 -9.57
C ILE B 310 32.97 -23.16 -11.04
N LYS B 311 33.80 -23.64 -12.00
CA LYS B 311 33.49 -23.47 -13.41
C LYS B 311 32.23 -24.28 -13.77
N LYS B 312 32.13 -25.52 -13.24
CA LYS B 312 30.96 -26.37 -13.45
C LYS B 312 29.71 -25.73 -12.81
N VAL B 313 29.86 -25.14 -11.61
CA VAL B 313 28.76 -24.49 -10.92
C VAL B 313 28.22 -23.33 -11.77
N GLN B 314 29.14 -22.53 -12.35
CA GLN B 314 28.81 -21.40 -13.23
C GLN B 314 28.01 -21.89 -14.43
N GLN B 315 28.46 -22.98 -15.07
CA GLN B 315 27.80 -23.58 -16.23
C GLN B 315 26.39 -24.01 -15.87
N LEU B 316 26.21 -24.74 -14.78
CA LEU B 316 24.88 -25.21 -14.36
C LEU B 316 23.96 -24.05 -14.01
N LEU B 317 24.48 -22.99 -13.37
CA LEU B 317 23.64 -21.83 -13.05
C LEU B 317 23.22 -21.06 -14.30
N GLN B 318 24.06 -21.06 -15.33
CA GLN B 318 23.72 -20.42 -16.60
C GLN B 318 22.64 -21.24 -17.31
N GLU B 319 22.80 -22.58 -17.35
CA GLU B 319 21.82 -23.48 -17.96
C GLU B 319 20.47 -23.42 -17.26
N MET B 320 20.46 -23.10 -15.95
CA MET B 320 19.25 -22.98 -15.14
C MET B 320 18.31 -21.91 -15.70
N THR B 321 18.84 -20.80 -16.22
CA THR B 321 18.01 -19.72 -16.76
C THR B 321 17.96 -19.65 -18.29
N ALA B 322 18.66 -20.55 -18.99
CA ALA B 322 18.71 -20.53 -20.45
C ALA B 322 17.38 -20.99 -21.07
N ARG C 27 -31.90 -9.21 1.29
CA ARG C 27 -30.75 -8.32 1.39
C ARG C 27 -29.56 -8.88 0.60
N PHE C 28 -29.35 -10.19 0.68
CA PHE C 28 -28.24 -10.82 -0.01
C PHE C 28 -28.71 -11.44 -1.33
N HIS C 29 -27.84 -11.44 -2.34
CA HIS C 29 -28.16 -11.99 -3.64
C HIS C 29 -28.04 -13.53 -3.68
N SER C 30 -29.04 -14.21 -4.24
CA SER C 30 -29.01 -15.65 -4.35
C SER C 30 -28.44 -16.05 -5.70
N PHE C 31 -27.21 -16.56 -5.71
CA PHE C 31 -26.56 -17.00 -6.93
C PHE C 31 -26.80 -18.48 -7.19
N SER C 32 -26.82 -18.83 -8.46
CA SER C 32 -26.87 -20.23 -8.86
C SER C 32 -25.42 -20.71 -8.79
N PHE C 33 -25.21 -22.00 -8.47
CA PHE C 33 -23.87 -22.57 -8.41
C PHE C 33 -23.09 -22.40 -9.71
N TYR C 34 -23.77 -22.58 -10.86
CA TYR C 34 -23.16 -22.42 -12.17
C TYR C 34 -22.71 -21.00 -12.43
N GLU C 35 -23.44 -20.01 -11.90
CA GLU C 35 -23.06 -18.60 -12.07
C GLU C 35 -21.74 -18.35 -11.36
N LEU C 36 -21.58 -18.89 -10.15
CA LEU C 36 -20.33 -18.75 -9.41
C LEU C 36 -19.19 -19.57 -10.02
N LYS C 37 -19.51 -20.66 -10.74
CA LYS C 37 -18.53 -21.44 -11.47
C LYS C 37 -17.99 -20.55 -12.60
N ASN C 38 -18.89 -19.89 -13.35
CA ASN C 38 -18.47 -19.04 -14.45
C ASN C 38 -17.74 -17.76 -13.96
N VAL C 39 -18.10 -17.19 -12.77
CA VAL C 39 -17.39 -16.00 -12.27
C VAL C 39 -15.97 -16.30 -11.74
N THR C 40 -15.69 -17.53 -11.26
CA THR C 40 -14.38 -17.88 -10.68
C THR C 40 -13.49 -18.71 -11.63
N ASN C 41 -13.76 -18.66 -12.94
CA ASN C 41 -13.06 -19.47 -13.96
C ASN C 41 -13.11 -20.95 -13.61
N ASN C 42 -14.33 -21.42 -13.32
CA ASN C 42 -14.67 -22.77 -12.91
C ASN C 42 -13.91 -23.17 -11.66
N PHE C 43 -13.90 -22.29 -10.64
CA PHE C 43 -13.17 -22.50 -9.38
C PHE C 43 -11.70 -22.88 -9.64
N ASP C 44 -10.99 -22.09 -10.47
CA ASP C 44 -9.59 -22.34 -10.83
C ASP C 44 -8.74 -22.41 -9.58
N GLU C 45 -8.11 -23.57 -9.32
CA GLU C 45 -7.37 -23.75 -8.09
C GLU C 45 -5.90 -23.30 -8.09
N ARG C 46 -5.39 -22.76 -9.21
CA ARG C 46 -4.02 -22.22 -9.21
C ARG C 46 -4.01 -20.90 -8.41
N PRO C 47 -2.92 -20.56 -7.71
CA PRO C 47 -2.94 -19.33 -6.91
C PRO C 47 -3.13 -18.08 -7.75
N ILE C 48 -3.74 -17.04 -7.16
CA ILE C 48 -3.92 -15.77 -7.85
C ILE C 48 -2.58 -15.16 -8.26
N SER C 49 -1.51 -15.40 -7.47
CA SER C 49 -0.18 -14.90 -7.75
C SER C 49 0.41 -15.40 -9.07
N VAL C 50 -0.15 -16.50 -9.64
CA VAL C 50 0.33 -17.01 -10.94
C VAL C 50 -0.78 -17.02 -12.01
N GLY C 51 -1.83 -16.21 -11.84
CA GLY C 51 -2.89 -16.13 -12.85
C GLY C 51 -4.12 -16.97 -12.61
N GLY C 52 -4.16 -17.65 -11.48
CA GLY C 52 -5.31 -18.49 -11.14
C GLY C 52 -6.34 -17.72 -10.34
N ASN C 53 -7.24 -18.45 -9.67
CA ASN C 53 -8.29 -17.82 -8.87
C ASN C 53 -8.24 -18.15 -7.39
N LYS C 54 -7.35 -19.05 -6.95
CA LYS C 54 -7.28 -19.42 -5.53
C LYS C 54 -6.60 -18.35 -4.65
N MET C 55 -7.28 -17.85 -3.61
CA MET C 55 -6.70 -16.82 -2.75
C MET C 55 -6.27 -17.33 -1.40
N GLY C 56 -7.00 -18.31 -0.87
CA GLY C 56 -6.73 -18.79 0.47
C GLY C 56 -7.56 -19.97 0.87
N GLU C 57 -7.47 -20.32 2.14
CA GLU C 57 -8.11 -21.51 2.65
C GLU C 57 -8.33 -21.44 4.16
N GLY C 58 -9.31 -22.17 4.63
CA GLY C 58 -9.60 -22.32 6.05
C GLY C 58 -9.92 -23.78 6.36
N GLY C 59 -10.39 -24.03 7.58
CA GLY C 59 -10.79 -25.39 7.95
C GLY C 59 -12.11 -25.78 7.34
N PHE C 60 -12.96 -24.79 6.95
CA PHE C 60 -14.28 -25.09 6.43
C PHE C 60 -14.49 -24.73 4.94
N GLY C 61 -13.45 -24.30 4.21
CA GLY C 61 -13.59 -23.99 2.80
C GLY C 61 -12.41 -23.32 2.11
N VAL C 62 -12.50 -23.18 0.78
CA VAL C 62 -11.46 -22.53 -0.03
C VAL C 62 -12.03 -21.25 -0.70
N VAL C 63 -11.24 -20.16 -0.72
CA VAL C 63 -11.65 -18.84 -1.23
C VAL C 63 -11.09 -18.55 -2.63
N TYR C 64 -11.95 -18.11 -3.55
CA TYR C 64 -11.59 -17.83 -4.93
C TYR C 64 -11.95 -16.42 -5.34
N LYS C 65 -11.15 -15.84 -6.21
CA LYS C 65 -11.42 -14.52 -6.75
C LYS C 65 -12.34 -14.68 -7.94
N GLY C 66 -13.21 -13.71 -8.15
CA GLY C 66 -14.11 -13.70 -9.29
C GLY C 66 -14.62 -12.31 -9.60
N TYR C 67 -15.43 -12.18 -10.64
CA TYR C 67 -16.02 -10.90 -11.00
C TYR C 67 -17.50 -11.08 -11.25
N VAL C 68 -18.32 -10.23 -10.64
CA VAL C 68 -19.76 -10.24 -10.84
C VAL C 68 -20.04 -8.88 -11.38
N ASN C 69 -20.36 -8.83 -12.67
CA ASN C 69 -20.52 -7.62 -13.46
C ASN C 69 -19.07 -7.07 -13.52
N ASN C 70 -18.83 -5.90 -12.99
CA ASN C 70 -17.49 -5.31 -12.88
C ASN C 70 -17.00 -5.27 -11.43
N THR C 71 -17.70 -5.94 -10.51
CA THR C 71 -17.34 -5.97 -9.10
C THR C 71 -16.44 -7.15 -8.85
N THR C 72 -15.29 -6.94 -8.20
CA THR C 72 -14.41 -8.06 -7.85
C THR C 72 -15.00 -8.65 -6.59
N VAL C 73 -15.17 -9.98 -6.56
CA VAL C 73 -15.72 -10.66 -5.39
C VAL C 73 -14.74 -11.78 -4.95
N ALA C 74 -14.96 -12.30 -3.74
CA ALA C 74 -14.30 -13.47 -3.20
C ALA C 74 -15.41 -14.46 -2.97
N VAL C 75 -15.26 -15.68 -3.48
CA VAL C 75 -16.25 -16.72 -3.31
C VAL C 75 -15.63 -17.79 -2.42
N LYS C 76 -16.21 -18.03 -1.24
CA LYS C 76 -15.74 -19.09 -0.37
C LYS C 76 -16.63 -20.30 -0.58
N LYS C 77 -16.05 -21.36 -1.13
CA LYS C 77 -16.76 -22.59 -1.42
C LYS C 77 -16.53 -23.53 -0.24
N LEU C 78 -17.59 -23.82 0.53
CA LEU C 78 -17.51 -24.64 1.73
C LEU C 78 -17.19 -26.10 1.47
N ALA C 79 -16.30 -26.69 2.25
CA ALA C 79 -15.92 -28.09 2.06
C ALA C 79 -16.00 -28.85 3.39
N ILE C 84 -15.71 -32.54 9.56
CA ILE C 84 -17.01 -32.39 10.21
C ILE C 84 -18.18 -32.84 9.28
N THR C 85 -19.40 -32.89 9.80
CA THR C 85 -20.56 -33.35 9.04
C THR C 85 -21.13 -32.30 8.08
N THR C 86 -21.99 -32.73 7.13
CA THR C 86 -22.65 -31.83 6.19
C THR C 86 -23.67 -30.96 6.94
N GLU C 87 -24.35 -31.53 7.97
CA GLU C 87 -25.35 -30.83 8.78
C GLU C 87 -24.72 -29.67 9.59
N GLU C 88 -23.53 -29.89 10.15
CA GLU C 88 -22.83 -28.87 10.92
C GLU C 88 -22.33 -27.75 10.01
N LEU C 89 -21.88 -28.11 8.80
CA LEU C 89 -21.39 -27.17 7.78
C LEU C 89 -22.54 -26.28 7.31
N LYS C 90 -23.75 -26.85 7.17
CA LYS C 90 -24.94 -26.10 6.76
C LYS C 90 -25.35 -25.14 7.88
N GLN C 91 -25.21 -25.55 9.14
CA GLN C 91 -25.53 -24.69 10.28
C GLN C 91 -24.58 -23.50 10.32
N GLN C 92 -23.30 -23.71 10.02
CA GLN C 92 -22.31 -22.63 10.00
C GLN C 92 -22.57 -21.67 8.84
N PHE C 93 -23.03 -22.19 7.69
CA PHE C 93 -23.39 -21.40 6.52
C PHE C 93 -24.57 -20.49 6.89
N ASP C 94 -25.62 -21.07 7.52
CA ASP C 94 -26.80 -20.32 7.93
C ASP C 94 -26.46 -19.29 8.99
N GLN C 95 -25.57 -19.66 9.93
CA GLN C 95 -25.16 -18.76 11.01
C GLN C 95 -24.37 -17.57 10.46
N GLU C 96 -23.48 -17.81 9.50
CA GLU C 96 -22.73 -16.72 8.87
C GLU C 96 -23.70 -15.71 8.20
N ILE C 97 -24.69 -16.19 7.47
CA ILE C 97 -25.67 -15.33 6.80
C ILE C 97 -26.50 -14.55 7.81
N LYS C 98 -26.94 -15.21 8.89
CA LYS C 98 -27.73 -14.62 9.95
C LYS C 98 -26.95 -13.50 10.66
N VAL C 99 -25.67 -13.73 10.96
CA VAL C 99 -24.84 -12.73 11.63
C VAL C 99 -24.55 -11.54 10.67
N MET C 100 -24.24 -11.84 9.41
CA MET C 100 -23.98 -10.80 8.41
C MET C 100 -25.22 -9.94 8.12
N ALA C 101 -26.42 -10.52 8.26
CA ALA C 101 -27.65 -9.74 8.04
C ALA C 101 -27.86 -8.74 9.20
N LYS C 102 -27.42 -9.07 10.41
CA LYS C 102 -27.60 -8.21 11.57
C LYS C 102 -26.43 -7.23 11.75
N CYS C 103 -25.23 -7.62 11.35
CA CYS C 103 -24.01 -6.86 11.61
C CYS C 103 -23.35 -6.29 10.37
N GLN C 104 -23.47 -4.98 10.18
CA GLN C 104 -22.81 -4.28 9.09
C GLN C 104 -21.94 -3.19 9.70
N HIS C 105 -20.64 -3.22 9.41
CA HIS C 105 -19.69 -2.26 9.97
C HIS C 105 -18.45 -2.25 9.07
N GLU C 106 -17.78 -1.10 8.97
CA GLU C 106 -16.57 -0.98 8.14
C GLU C 106 -15.43 -1.90 8.56
N ASN C 107 -15.43 -2.42 9.81
CA ASN C 107 -14.38 -3.36 10.22
C ASN C 107 -14.88 -4.81 10.26
N LEU C 108 -15.96 -5.12 9.52
CA LEU C 108 -16.45 -6.47 9.35
C LEU C 108 -16.51 -6.70 7.84
N VAL C 109 -16.03 -7.86 7.35
CA VAL C 109 -16.11 -8.11 5.90
C VAL C 109 -17.58 -8.14 5.45
N GLU C 110 -17.87 -7.58 4.27
CA GLU C 110 -19.25 -7.50 3.78
C GLU C 110 -19.63 -8.70 2.92
N LEU C 111 -20.72 -9.37 3.28
CA LEU C 111 -21.26 -10.48 2.49
C LEU C 111 -22.16 -9.87 1.41
N LEU C 112 -21.97 -10.28 0.14
CA LEU C 112 -22.78 -9.81 -0.99
C LEU C 112 -23.88 -10.81 -1.36
N GLY C 113 -23.63 -12.09 -1.17
CA GLY C 113 -24.59 -13.12 -1.52
C GLY C 113 -24.15 -14.52 -1.20
N PHE C 114 -24.86 -15.50 -1.74
CA PHE C 114 -24.59 -16.90 -1.43
C PHE C 114 -25.16 -17.83 -2.50
N SER C 115 -24.76 -19.09 -2.46
CA SER C 115 -25.29 -20.11 -3.35
C SER C 115 -25.53 -21.34 -2.48
N SER C 116 -26.73 -21.94 -2.58
CA SER C 116 -27.08 -23.14 -1.82
C SER C 116 -27.72 -24.25 -2.68
N ASP C 117 -27.82 -24.06 -4.00
CA ASP C 117 -28.42 -25.08 -4.86
C ASP C 117 -27.47 -26.26 -5.07
N GLY C 118 -28.06 -27.45 -5.16
CA GLY C 118 -27.32 -28.70 -5.28
C GLY C 118 -26.83 -29.12 -3.90
N ASP C 119 -25.55 -29.47 -3.79
CA ASP C 119 -24.97 -29.87 -2.51
C ASP C 119 -23.94 -28.85 -2.01
N ASP C 120 -23.23 -28.19 -2.94
CA ASP C 120 -22.20 -27.19 -2.64
C ASP C 120 -22.75 -25.92 -2.00
N LEU C 121 -22.00 -25.36 -1.06
CA LEU C 121 -22.41 -24.13 -0.38
C LEU C 121 -21.36 -23.08 -0.66
N CYS C 122 -21.79 -21.89 -1.14
CA CYS C 122 -20.87 -20.81 -1.45
C CYS C 122 -21.32 -19.53 -0.76
N LEU C 123 -20.37 -18.73 -0.33
CA LEU C 123 -20.59 -17.43 0.29
C LEU C 123 -19.79 -16.41 -0.54
N VAL C 124 -20.42 -15.31 -0.99
CA VAL C 124 -19.79 -14.31 -1.84
C VAL C 124 -19.55 -13.03 -1.04
N TYR C 125 -18.32 -12.53 -1.03
CA TYR C 125 -17.94 -11.35 -0.27
C TYR C 125 -17.35 -10.28 -1.15
N VAL C 126 -17.26 -9.05 -0.60
CA VAL C 126 -16.53 -7.96 -1.23
C VAL C 126 -15.04 -8.41 -1.20
N TYR C 127 -14.33 -8.22 -2.31
CA TYR C 127 -12.96 -8.64 -2.43
C TYR C 127 -12.04 -7.74 -1.59
N MET C 128 -11.10 -8.36 -0.88
CA MET C 128 -10.13 -7.64 -0.05
C MET C 128 -8.77 -7.77 -0.73
N PRO C 129 -8.29 -6.72 -1.44
CA PRO C 129 -7.04 -6.89 -2.23
C PRO C 129 -5.79 -7.23 -1.44
N ASN C 130 -5.74 -6.91 -0.13
CA ASN C 130 -4.58 -7.28 0.67
C ASN C 130 -4.79 -8.61 1.45
N GLY C 131 -5.81 -9.38 1.11
CA GLY C 131 -6.02 -10.71 1.68
C GLY C 131 -6.09 -10.72 3.19
N SER C 132 -5.47 -11.72 3.85
CA SER C 132 -5.55 -11.80 5.31
C SER C 132 -4.32 -11.23 6.00
N LEU C 133 -4.50 -10.84 7.26
CA LEU C 133 -3.41 -10.31 8.07
C LEU C 133 -2.34 -11.41 8.28
N LEU C 134 -2.75 -12.69 8.42
CA LEU C 134 -1.81 -13.80 8.54
C LEU C 134 -0.85 -13.83 7.32
N ASP C 135 -1.43 -13.73 6.12
CA ASP C 135 -0.63 -13.76 4.90
C ASP C 135 0.26 -12.54 4.75
N ARG C 136 -0.20 -11.35 5.16
CA ARG C 136 0.64 -10.15 5.07
C ARG C 136 1.77 -10.16 6.10
N LEU C 137 1.50 -10.70 7.29
CA LEU C 137 2.55 -10.83 8.33
C LEU C 137 3.63 -11.79 7.86
N SER C 138 3.26 -12.85 7.13
CA SER C 138 4.25 -13.79 6.60
C SER C 138 4.85 -13.35 5.25
N CYS C 139 4.36 -12.22 4.66
CA CYS C 139 4.78 -11.70 3.35
C CYS C 139 4.57 -12.72 2.25
N LEU C 140 3.51 -13.52 2.36
CA LEU C 140 3.16 -14.55 1.39
C LEU C 140 3.05 -13.93 -0.03
N ASP C 141 3.59 -14.62 -1.03
CA ASP C 141 3.56 -14.18 -2.42
C ASP C 141 4.37 -12.91 -2.72
N GLY C 142 5.27 -12.54 -1.83
CA GLY C 142 6.19 -11.44 -2.09
C GLY C 142 5.69 -10.06 -1.76
N THR C 143 4.65 -9.96 -0.93
CA THR C 143 4.13 -8.66 -0.53
C THR C 143 5.15 -8.01 0.44
N PRO C 144 5.30 -6.68 0.39
CA PRO C 144 6.25 -6.04 1.31
C PRO C 144 5.78 -6.15 2.76
N PRO C 145 6.72 -6.24 3.71
CA PRO C 145 6.30 -6.28 5.13
C PRO C 145 5.47 -5.06 5.53
N LEU C 146 4.49 -5.26 6.41
CA LEU C 146 3.65 -4.18 6.91
C LEU C 146 4.48 -3.28 7.82
N SER C 147 4.35 -1.96 7.65
CA SER C 147 5.06 -1.04 8.52
C SER C 147 4.43 -1.08 9.93
N TRP C 148 5.13 -0.56 10.93
CA TRP C 148 4.57 -0.44 12.28
C TRP C 148 3.35 0.50 12.26
N HIS C 149 3.40 1.57 11.46
CA HIS C 149 2.30 2.51 11.30
C HIS C 149 1.05 1.77 10.80
N MET C 150 1.19 0.93 9.76
CA MET C 150 0.05 0.16 9.27
C MET C 150 -0.44 -0.85 10.30
N ARG C 151 0.48 -1.53 11.00
CA ARG C 151 0.12 -2.51 12.03
C ARG C 151 -0.72 -1.89 13.15
N CYS C 152 -0.39 -0.64 13.54
CA CYS C 152 -1.17 0.07 14.57
C CYS C 152 -2.61 0.32 14.07
N LYS C 153 -2.76 0.74 12.81
CA LYS C 153 -4.09 1.00 12.24
C LYS C 153 -4.89 -0.29 12.13
N ILE C 154 -4.23 -1.40 11.78
CA ILE C 154 -4.89 -2.69 11.66
C ILE C 154 -5.37 -3.15 13.03
N ALA C 155 -4.55 -3.00 14.08
CA ALA C 155 -4.94 -3.41 15.43
C ALA C 155 -6.16 -2.60 15.90
N GLN C 156 -6.15 -1.31 15.62
CA GLN C 156 -7.26 -0.43 15.99
C GLN C 156 -8.54 -0.81 15.24
N GLY C 157 -8.44 -1.04 13.95
CA GLY C 157 -9.59 -1.44 13.14
C GLY C 157 -10.16 -2.78 13.56
N ALA C 158 -9.31 -3.77 13.84
CA ALA C 158 -9.76 -5.08 14.29
C ALA C 158 -10.47 -4.96 15.64
N ALA C 159 -9.96 -4.11 16.56
CA ALA C 159 -10.60 -3.91 17.85
C ALA C 159 -11.96 -3.20 17.67
N ASN C 160 -12.06 -2.26 16.71
CA ASN C 160 -13.35 -1.59 16.44
C ASN C 160 -14.39 -2.61 15.93
N GLY C 161 -13.95 -3.57 15.12
CA GLY C 161 -14.84 -4.61 14.60
C GLY C 161 -15.32 -5.55 15.68
N ILE C 162 -14.42 -5.99 16.58
CA ILE C 162 -14.78 -6.85 17.71
C ILE C 162 -15.72 -6.09 18.65
N ASN C 163 -15.48 -4.79 18.85
CA ASN C 163 -16.35 -3.96 19.67
C ASN C 163 -17.76 -3.92 19.10
N PHE C 164 -17.90 -3.76 17.78
CA PHE C 164 -19.22 -3.73 17.15
C PHE C 164 -19.95 -5.07 17.37
N LEU C 165 -19.22 -6.19 17.25
CA LEU C 165 -19.79 -7.52 17.49
C LEU C 165 -20.24 -7.68 18.94
N HIS C 166 -19.40 -7.30 19.92
CA HIS C 166 -19.76 -7.41 21.33
C HIS C 166 -20.90 -6.45 21.72
N GLU C 167 -20.96 -5.25 21.10
CA GLU C 167 -22.07 -4.31 21.33
C GLU C 167 -23.38 -4.90 20.80
N ASN C 168 -23.32 -5.68 19.72
CA ASN C 168 -24.48 -6.35 19.15
C ASN C 168 -24.65 -7.78 19.67
N HIS C 169 -24.08 -8.05 20.86
CA HIS C 169 -24.21 -9.28 21.64
C HIS C 169 -23.83 -10.54 20.89
N HIS C 170 -22.72 -10.48 20.15
CA HIS C 170 -22.22 -11.65 19.45
C HIS C 170 -20.81 -11.96 19.94
N ILE C 171 -20.52 -13.24 20.11
CA ILE C 171 -19.20 -13.74 20.46
C ILE C 171 -18.69 -14.39 19.17
N HIS C 172 -17.53 -13.98 18.68
CA HIS C 172 -16.97 -14.49 17.43
C HIS C 172 -16.55 -15.96 17.52
N ARG C 173 -15.77 -16.30 18.57
CA ARG C 173 -15.26 -17.64 18.89
C ARG C 173 -14.08 -18.12 18.02
N ASP C 174 -13.64 -17.30 17.06
CA ASP C 174 -12.51 -17.70 16.21
C ASP C 174 -11.69 -16.49 15.76
N ILE C 175 -11.38 -15.60 16.72
CA ILE C 175 -10.55 -14.43 16.40
C ILE C 175 -9.13 -14.93 16.18
N LYS C 176 -8.55 -14.58 15.04
CA LYS C 176 -7.22 -14.97 14.66
C LYS C 176 -6.79 -14.17 13.44
N SER C 177 -5.49 -14.15 13.12
CA SER C 177 -5.02 -13.33 11.99
C SER C 177 -5.51 -13.81 10.62
N ALA C 178 -5.84 -15.11 10.46
CA ALA C 178 -6.42 -15.59 9.20
C ALA C 178 -7.86 -15.03 9.04
N ASN C 179 -8.51 -14.61 10.14
CA ASN C 179 -9.85 -14.05 10.15
C ASN C 179 -9.87 -12.53 10.29
N ILE C 180 -8.78 -11.86 9.90
CA ILE C 180 -8.72 -10.41 9.85
C ILE C 180 -8.26 -10.12 8.45
N LEU C 181 -9.14 -9.57 7.61
CA LEU C 181 -8.85 -9.30 6.21
C LEU C 181 -8.48 -7.84 6.00
N LEU C 182 -7.84 -7.54 4.89
CA LEU C 182 -7.30 -6.21 4.64
C LEU C 182 -7.66 -5.74 3.25
N ASP C 183 -8.30 -4.58 3.17
CA ASP C 183 -8.67 -4.02 1.87
C ASP C 183 -7.47 -3.22 1.25
N GLU C 184 -7.69 -2.46 0.14
CA GLU C 184 -6.63 -1.67 -0.54
C GLU C 184 -5.91 -0.72 0.40
N ALA C 185 -6.66 -0.07 1.30
CA ALA C 185 -6.05 0.86 2.29
C ALA C 185 -5.59 0.16 3.57
N PHE C 186 -5.61 -1.17 3.60
CA PHE C 186 -5.26 -1.95 4.77
C PHE C 186 -6.22 -1.73 5.93
N THR C 187 -7.49 -1.45 5.64
CA THR C 187 -8.51 -1.37 6.68
C THR C 187 -8.79 -2.82 7.12
N ALA C 188 -8.80 -3.08 8.42
CA ALA C 188 -9.04 -4.42 8.96
C ALA C 188 -10.52 -4.79 8.89
N LYS C 189 -10.82 -6.03 8.46
CA LYS C 189 -12.19 -6.53 8.36
C LYS C 189 -12.22 -7.90 9.01
N ILE C 190 -12.93 -8.04 10.13
CA ILE C 190 -13.09 -9.34 10.77
C ILE C 190 -13.94 -10.23 9.85
N SER C 191 -13.56 -11.49 9.72
CA SER C 191 -14.27 -12.42 8.89
C SER C 191 -14.55 -13.75 9.62
N ASP C 192 -15.32 -14.61 8.95
CA ASP C 192 -15.71 -15.94 9.37
C ASP C 192 -16.55 -15.95 10.62
N PHE C 193 -17.86 -15.76 10.42
CA PHE C 193 -18.87 -15.72 11.48
C PHE C 193 -19.66 -17.03 11.62
N GLY C 194 -19.16 -18.12 11.02
CA GLY C 194 -19.83 -19.42 11.06
C GLY C 194 -19.96 -20.02 12.44
N LEU C 195 -19.02 -19.67 13.35
CA LEU C 195 -19.00 -20.14 14.74
C LEU C 195 -19.56 -19.11 15.72
N ALA C 196 -19.92 -17.89 15.26
CA ALA C 196 -20.41 -16.83 16.12
C ALA C 196 -21.67 -17.25 16.90
N ARG C 197 -21.76 -16.81 18.16
CA ARG C 197 -22.88 -17.11 19.04
C ARG C 197 -23.49 -15.84 19.58
N ALA C 198 -24.82 -15.72 19.53
CA ALA C 198 -25.50 -14.58 20.13
C ALA C 198 -25.56 -14.85 21.64
N SER C 199 -25.03 -13.93 22.44
CA SER C 199 -24.99 -14.06 23.89
C SER C 199 -26.12 -13.26 24.55
N GLN C 204 -23.11 -14.81 33.38
CA GLN C 204 -23.87 -15.13 32.16
C GLN C 204 -23.24 -16.27 31.36
N VAL C 206 -21.93 -19.47 29.60
CA VAL C 206 -22.57 -20.76 29.39
C VAL C 206 -21.53 -21.78 28.86
N MET C 207 -21.86 -23.07 28.84
CA MET C 207 -20.95 -24.09 28.34
C MET C 207 -21.47 -24.81 27.12
N ARG C 210 -19.48 -28.93 22.25
CA ARG C 210 -18.70 -28.98 21.03
C ARG C 210 -17.68 -27.83 21.09
N ILE C 211 -16.48 -28.13 21.56
CA ILE C 211 -15.44 -27.14 21.71
C ILE C 211 -14.84 -26.83 20.34
N VAL C 212 -15.02 -25.58 19.89
CA VAL C 212 -14.54 -25.15 18.58
C VAL C 212 -13.64 -23.94 18.71
N GLY C 213 -12.83 -23.73 17.69
CA GLY C 213 -11.89 -22.63 17.63
C GLY C 213 -10.52 -23.12 17.22
N THR C 214 -9.55 -22.21 17.24
CA THR C 214 -8.19 -22.55 16.87
C THR C 214 -7.34 -22.58 18.16
N THR C 215 -6.86 -23.77 18.53
CA THR C 215 -6.13 -24.03 19.78
C THR C 215 -5.09 -22.98 20.19
N ALA C 216 -4.22 -22.56 19.23
CA ALA C 216 -3.16 -21.60 19.50
C ALA C 216 -3.63 -20.20 19.91
N TYR C 217 -4.89 -19.88 19.63
CA TYR C 217 -5.47 -18.58 19.99
C TYR C 217 -6.49 -18.68 21.13
N MET C 218 -6.85 -19.88 21.56
CA MET C 218 -7.90 -20.06 22.54
C MET C 218 -7.52 -19.79 23.98
N ALA C 219 -8.42 -19.09 24.67
CA ALA C 219 -8.32 -18.82 26.10
C ALA C 219 -8.45 -20.15 26.86
N PRO C 220 -7.90 -20.25 28.09
CA PRO C 220 -8.06 -21.50 28.85
C PRO C 220 -9.51 -21.90 29.07
N GLU C 221 -10.40 -20.94 29.38
CA GLU C 221 -11.80 -21.27 29.63
C GLU C 221 -12.54 -21.71 28.37
N ALA C 222 -12.10 -21.23 27.18
CA ALA C 222 -12.68 -21.64 25.90
C ALA C 222 -12.27 -23.09 25.61
N LEU C 223 -11.02 -23.48 25.96
CA LEU C 223 -10.55 -24.87 25.82
C LEU C 223 -11.32 -25.85 26.75
N ARG C 224 -11.96 -25.32 27.81
CA ARG C 224 -12.79 -26.09 28.71
C ARG C 224 -14.26 -26.16 28.32
N GLY C 225 -14.69 -25.45 27.29
CA GLY C 225 -16.08 -25.46 26.87
C GLY C 225 -16.87 -24.22 27.20
N GLU C 226 -16.27 -23.22 27.88
CA GLU C 226 -17.00 -21.99 28.21
C GLU C 226 -17.17 -21.12 26.97
N ILE C 227 -18.31 -20.43 26.89
CA ILE C 227 -18.60 -19.50 25.81
C ILE C 227 -18.81 -18.13 26.46
N THR C 228 -17.88 -17.20 26.19
CA THR C 228 -17.91 -15.86 26.77
C THR C 228 -17.15 -14.89 25.86
N PRO C 229 -17.62 -13.62 25.78
CA PRO C 229 -16.87 -12.63 24.98
C PRO C 229 -15.45 -12.39 25.52
N LYS C 230 -15.17 -12.74 26.79
CA LYS C 230 -13.84 -12.61 27.37
C LYS C 230 -12.80 -13.49 26.63
N SER C 231 -13.25 -14.59 26.02
CA SER C 231 -12.35 -15.46 25.25
C SER C 231 -11.93 -14.76 23.95
N ASP C 232 -12.82 -13.96 23.33
CA ASP C 232 -12.46 -13.20 22.13
C ASP C 232 -11.33 -12.21 22.44
N ILE C 233 -11.34 -11.62 23.66
CA ILE C 233 -10.31 -10.69 24.08
C ILE C 233 -8.96 -11.40 24.16
N TYR C 234 -8.94 -12.59 24.76
CA TYR C 234 -7.72 -13.40 24.86
C TYR C 234 -7.15 -13.71 23.47
N SER C 235 -8.00 -14.18 22.54
CA SER C 235 -7.56 -14.47 21.17
C SER C 235 -7.03 -13.21 20.48
N PHE C 236 -7.67 -12.06 20.72
CA PHE C 236 -7.18 -10.80 20.17
C PHE C 236 -5.77 -10.47 20.70
N GLY C 237 -5.49 -10.81 21.96
CA GLY C 237 -4.16 -10.62 22.55
C GLY C 237 -3.11 -11.42 21.80
N VAL C 238 -3.43 -12.66 21.36
CA VAL C 238 -2.50 -13.46 20.55
C VAL C 238 -2.26 -12.78 19.21
N VAL C 239 -3.32 -12.23 18.58
CA VAL C 239 -3.21 -11.48 17.33
C VAL C 239 -2.26 -10.29 17.51
N LEU C 240 -2.38 -9.55 18.62
CA LEU C 240 -1.49 -8.43 18.89
C LEU C 240 -0.02 -8.89 18.98
N LEU C 241 0.24 -10.09 19.56
CA LEU C 241 1.61 -10.63 19.59
C LEU C 241 2.10 -10.98 18.18
N GLU C 242 1.22 -11.51 17.31
CA GLU C 242 1.60 -11.78 15.91
C GLU C 242 1.94 -10.48 15.20
N ILE C 243 1.18 -9.41 15.47
CA ILE C 243 1.43 -8.11 14.86
C ILE C 243 2.78 -7.56 15.28
N ILE C 244 3.11 -7.63 16.58
CA ILE C 244 4.39 -7.12 17.07
C ILE C 244 5.60 -7.92 16.55
N THR C 245 5.51 -9.25 16.58
CA THR C 245 6.63 -10.13 16.25
C THR C 245 6.74 -10.59 14.81
N GLY C 246 5.63 -10.58 14.09
CA GLY C 246 5.56 -11.16 12.74
C GLY C 246 5.58 -12.68 12.74
N LEU C 247 5.45 -13.31 13.93
CA LEU C 247 5.52 -14.76 14.07
C LEU C 247 4.12 -15.36 14.09
N PRO C 248 3.95 -16.55 13.49
CA PRO C 248 2.65 -17.23 13.59
C PRO C 248 2.36 -17.68 15.04
N ALA C 249 1.08 -17.75 15.42
CA ALA C 249 0.65 -18.16 16.76
C ALA C 249 1.19 -19.52 17.16
N VAL C 250 1.33 -20.43 16.19
CA VAL C 250 1.88 -21.76 16.45
C VAL C 250 2.83 -22.14 15.32
N ASP C 251 3.96 -22.72 15.68
CA ASP C 251 4.92 -23.20 14.70
C ASP C 251 5.55 -24.40 15.36
N GLU C 252 5.23 -25.60 14.86
CA GLU C 252 5.74 -26.83 15.47
C GLU C 252 7.24 -26.99 15.34
N HIS C 253 7.89 -26.26 14.41
CA HIS C 253 9.35 -26.33 14.28
C HIS C 253 10.03 -25.11 14.90
N ARG C 254 9.38 -24.46 15.89
CA ARG C 254 9.92 -23.30 16.59
C ARG C 254 9.96 -23.55 18.11
N GLU C 255 10.83 -22.83 18.83
CA GLU C 255 10.88 -22.89 20.28
C GLU C 255 10.74 -21.44 20.77
N PRO C 256 9.64 -21.06 21.44
CA PRO C 256 8.50 -21.90 21.85
C PRO C 256 7.54 -22.13 20.69
N GLN C 257 6.86 -23.28 20.69
CA GLN C 257 5.93 -23.59 19.62
C GLN C 257 4.75 -22.64 19.61
N LEU C 258 4.25 -22.27 20.79
CA LEU C 258 3.12 -21.37 20.93
C LEU C 258 3.62 -19.98 21.23
N LEU C 259 3.21 -19.00 20.42
CA LEU C 259 3.62 -17.60 20.57
C LEU C 259 3.21 -17.02 21.93
N LEU C 260 2.07 -17.45 22.44
CA LEU C 260 1.58 -17.03 23.75
C LEU C 260 2.60 -17.24 24.86
N ASP C 261 3.52 -18.23 24.73
CA ASP C 261 4.55 -18.50 25.72
C ASP C 261 5.60 -17.40 25.85
N ILE C 262 5.70 -16.46 24.86
CA ILE C 262 6.68 -15.37 24.97
C ILE C 262 6.30 -14.41 26.11
N LYS C 263 5.02 -14.31 26.47
CA LYS C 263 4.57 -13.46 27.58
C LYS C 263 5.21 -13.96 28.89
N GLU C 264 5.28 -15.28 29.08
CA GLU C 264 5.89 -15.85 30.27
C GLU C 264 7.39 -15.62 30.27
N GLU C 265 8.03 -15.73 29.10
CA GLU C 265 9.46 -15.47 28.96
C GLU C 265 9.78 -14.02 29.33
N ILE C 266 8.99 -13.07 28.85
CA ILE C 266 9.18 -11.65 29.16
C ILE C 266 8.87 -11.35 30.63
N GLU C 267 7.81 -11.94 31.19
CA GLU C 267 7.45 -11.75 32.59
C GLU C 267 8.53 -12.28 33.52
N ASP C 268 9.10 -13.45 33.21
CA ASP C 268 10.17 -14.04 34.01
C ASP C 268 11.56 -13.47 33.72
N GLU C 269 11.64 -12.34 33.02
CA GLU C 269 12.90 -11.66 32.65
C GLU C 269 13.88 -12.52 31.85
N GLU C 270 13.40 -13.63 31.26
CA GLU C 270 14.25 -14.47 30.42
C GLU C 270 14.53 -13.76 29.08
N LYS C 271 13.54 -13.01 28.58
CA LYS C 271 13.64 -12.22 27.36
C LYS C 271 12.87 -10.88 27.49
N THR C 272 13.03 -9.98 26.52
CA THR C 272 12.32 -8.69 26.49
C THR C 272 11.45 -8.65 25.22
N ILE C 273 10.46 -7.74 25.15
CA ILE C 273 9.64 -7.63 23.92
C ILE C 273 10.54 -7.16 22.75
N GLU C 274 11.61 -6.40 23.03
CA GLU C 274 12.58 -5.97 22.01
C GLU C 274 13.28 -7.15 21.33
N ASP C 275 13.50 -8.27 22.06
CA ASP C 275 14.09 -9.46 21.44
C ASP C 275 13.12 -10.13 20.44
N TYR C 276 11.82 -9.86 20.55
CA TYR C 276 10.80 -10.47 19.71
C TYR C 276 10.20 -9.56 18.67
N ILE C 277 10.46 -8.23 18.72
CA ILE C 277 9.92 -7.30 17.71
C ILE C 277 10.30 -7.74 16.29
N ASP C 278 9.34 -7.69 15.36
CA ASP C 278 9.58 -8.08 13.97
C ASP C 278 10.72 -7.21 13.37
N LYS C 279 11.78 -7.87 12.91
CA LYS C 279 12.91 -7.17 12.29
C LYS C 279 12.58 -6.65 10.88
N LYS C 280 11.44 -7.08 10.30
CA LYS C 280 10.98 -6.65 8.98
C LYS C 280 10.25 -5.29 9.03
N MET C 281 10.60 -4.43 10.00
CA MET C 281 10.05 -3.08 10.11
C MET C 281 11.22 -2.12 10.31
N ASN C 282 11.05 -0.87 9.88
CA ASN C 282 12.06 0.16 10.15
C ASN C 282 11.50 1.35 10.96
N ASP C 283 10.18 1.38 11.20
CA ASP C 283 9.51 2.52 11.84
C ASP C 283 8.88 2.23 13.18
N ALA C 284 9.27 1.13 13.84
CA ALA C 284 8.71 0.82 15.15
C ALA C 284 9.47 1.66 16.18
N ASP C 285 8.75 2.22 17.13
CA ASP C 285 9.37 2.97 18.21
C ASP C 285 9.08 2.22 19.50
N SER C 286 10.02 2.25 20.44
CA SER C 286 9.88 1.54 21.70
C SER C 286 8.61 1.86 22.47
N THR C 287 8.23 3.12 22.53
CA THR C 287 7.06 3.55 23.30
C THR C 287 5.77 2.91 22.80
N SER C 288 5.44 3.05 21.50
CA SER C 288 4.21 2.48 20.99
C SER C 288 4.25 0.95 20.92
N VAL C 289 5.45 0.34 20.75
CA VAL C 289 5.56 -1.12 20.77
C VAL C 289 5.27 -1.63 22.19
N GLU C 290 5.82 -0.96 23.21
CA GLU C 290 5.57 -1.34 24.59
C GLU C 290 4.10 -1.09 24.96
N ALA C 291 3.48 -0.05 24.39
CA ALA C 291 2.07 0.22 24.62
C ALA C 291 1.21 -0.91 24.02
N MET C 292 1.53 -1.37 22.77
CA MET C 292 0.78 -2.48 22.20
C MET C 292 1.03 -3.78 22.97
N TYR C 293 2.27 -4.01 23.41
CA TYR C 293 2.57 -5.20 24.19
C TYR C 293 1.79 -5.21 25.50
N SER C 294 1.68 -4.04 26.15
CA SER C 294 0.94 -3.93 27.40
C SER C 294 -0.53 -4.29 27.19
N VAL C 295 -1.14 -3.88 26.07
CA VAL C 295 -2.51 -4.24 25.75
C VAL C 295 -2.61 -5.77 25.54
N ALA C 296 -1.68 -6.34 24.76
CA ALA C 296 -1.65 -7.79 24.49
C ALA C 296 -1.52 -8.58 25.80
N SER C 297 -0.65 -8.13 26.71
CA SER C 297 -0.40 -8.75 28.01
C SER C 297 -1.66 -8.75 28.86
N GLN C 298 -2.43 -7.64 28.86
CA GLN C 298 -3.66 -7.53 29.63
C GLN C 298 -4.74 -8.45 29.05
N CYS C 299 -4.82 -8.53 27.72
CA CYS C 299 -5.75 -9.43 27.02
C CYS C 299 -5.46 -10.88 27.33
N LEU C 300 -4.18 -11.23 27.49
CA LEU C 300 -3.73 -12.59 27.75
C LEU C 300 -3.73 -13.00 29.21
N HIS C 301 -4.43 -12.26 30.08
CA HIS C 301 -4.52 -12.64 31.49
C HIS C 301 -5.23 -13.99 31.57
N GLU C 302 -4.64 -14.94 32.28
CA GLU C 302 -5.18 -16.29 32.39
C GLU C 302 -6.57 -16.31 33.02
N LYS C 303 -6.82 -15.40 33.97
CA LYS C 303 -8.12 -15.29 34.63
C LYS C 303 -9.00 -14.38 33.77
N LYS C 304 -10.08 -14.93 33.20
CA LYS C 304 -10.97 -14.20 32.29
C LYS C 304 -11.53 -12.88 32.84
N ASN C 305 -11.84 -12.84 34.13
CA ASN C 305 -12.40 -11.63 34.74
C ASN C 305 -11.38 -10.49 34.92
N LYS C 306 -10.08 -10.78 34.79
CA LYS C 306 -9.03 -9.76 34.90
C LYS C 306 -8.68 -9.14 33.55
N ARG C 307 -9.18 -9.70 32.43
CA ARG C 307 -8.92 -9.13 31.12
C ARG C 307 -9.77 -7.88 30.95
N PRO C 308 -9.26 -6.89 30.20
CA PRO C 308 -10.10 -5.72 29.92
C PRO C 308 -11.22 -6.10 28.94
N ASP C 309 -12.32 -5.34 28.96
CA ASP C 309 -13.37 -5.55 27.96
C ASP C 309 -12.90 -4.91 26.63
N ILE C 310 -13.60 -5.18 25.52
CA ILE C 310 -13.19 -4.66 24.22
C ILE C 310 -13.18 -3.12 24.18
N LYS C 311 -14.04 -2.46 24.97
CA LYS C 311 -14.06 -1.00 25.00
C LYS C 311 -12.74 -0.45 25.56
N LYS C 312 -12.25 -1.08 26.64
CA LYS C 312 -10.97 -0.70 27.24
C LYS C 312 -9.80 -0.97 26.26
N VAL C 313 -9.86 -2.08 25.51
CA VAL C 313 -8.83 -2.42 24.53
C VAL C 313 -8.79 -1.35 23.42
N GLN C 314 -9.98 -0.97 22.92
CA GLN C 314 -10.13 0.07 21.89
C GLN C 314 -9.49 1.37 22.34
N GLN C 315 -9.77 1.76 23.60
CA GLN C 315 -9.27 2.97 24.22
C GLN C 315 -7.76 2.94 24.37
N LEU C 316 -7.21 1.81 24.84
CA LEU C 316 -5.75 1.70 24.99
C LEU C 316 -5.05 1.76 23.62
N LEU C 317 -5.64 1.15 22.59
CA LEU C 317 -5.05 1.17 21.24
C LEU C 317 -5.13 2.57 20.62
N GLN C 318 -6.17 3.36 20.95
CA GLN C 318 -6.28 4.74 20.45
C GLN C 318 -5.23 5.60 21.14
N GLU C 319 -5.06 5.44 22.46
CA GLU C 319 -4.06 6.19 23.23
C GLU C 319 -2.62 5.89 22.77
N MET C 320 -2.39 4.67 22.24
CA MET C 320 -1.11 4.22 21.75
C MET C 320 -0.59 5.11 20.60
N THR C 321 -1.50 5.58 19.72
CA THR C 321 -1.10 6.42 18.60
C THR C 321 -1.40 7.92 18.77
N ALA C 322 -2.06 8.31 19.88
CA ALA C 322 -2.42 9.70 20.13
C ALA C 322 -1.21 10.59 20.38
N ARG D 27 21.15 -11.82 -23.77
CA ARG D 27 20.85 -11.34 -22.43
C ARG D 27 19.35 -11.13 -22.22
N PHE D 28 18.65 -10.60 -23.24
CA PHE D 28 17.21 -10.50 -23.19
C PHE D 28 16.60 -11.75 -23.87
N HIS D 29 15.44 -12.21 -23.37
CA HIS D 29 14.77 -13.38 -23.94
C HIS D 29 13.99 -13.04 -25.20
N SER D 30 14.16 -13.85 -26.25
CA SER D 30 13.46 -13.62 -27.51
C SER D 30 12.18 -14.44 -27.51
N PHE D 31 11.04 -13.76 -27.35
CA PHE D 31 9.74 -14.40 -27.33
C PHE D 31 9.14 -14.47 -28.72
N SER D 32 8.35 -15.51 -28.96
CA SER D 32 7.57 -15.61 -30.17
C SER D 32 6.30 -14.75 -29.92
N PHE D 33 5.81 -14.10 -30.96
CA PHE D 33 4.63 -13.24 -30.87
C PHE D 33 3.42 -14.02 -30.38
N TYR D 34 3.24 -15.26 -30.90
CA TYR D 34 2.13 -16.13 -30.54
C TYR D 34 2.08 -16.41 -29.02
N GLU D 35 3.27 -16.54 -28.36
CA GLU D 35 3.32 -16.80 -26.93
C GLU D 35 2.81 -15.58 -26.18
N LEU D 36 3.23 -14.38 -26.59
CA LEU D 36 2.78 -13.15 -25.93
C LEU D 36 1.30 -12.90 -26.17
N LYS D 37 0.80 -13.24 -27.39
CA LYS D 37 -0.60 -13.15 -27.73
C LYS D 37 -1.41 -14.09 -26.81
N ASN D 38 -0.90 -15.29 -26.56
CA ASN D 38 -1.54 -16.24 -25.65
C ASN D 38 -1.55 -15.79 -24.17
N VAL D 39 -0.41 -15.35 -23.61
CA VAL D 39 -0.34 -15.00 -22.19
C VAL D 39 -1.07 -13.69 -21.82
N THR D 40 -1.33 -12.84 -22.81
CA THR D 40 -2.10 -11.61 -22.55
C THR D 40 -3.59 -11.79 -22.86
N ASN D 41 -4.07 -13.05 -23.06
CA ASN D 41 -5.46 -13.37 -23.43
C ASN D 41 -5.84 -12.62 -24.70
N ASN D 42 -4.97 -12.74 -25.73
CA ASN D 42 -5.12 -12.07 -27.03
C ASN D 42 -5.13 -10.59 -26.82
N PHE D 43 -4.17 -10.05 -26.05
CA PHE D 43 -4.10 -8.61 -25.79
C PHE D 43 -5.48 -8.04 -25.34
N ASP D 44 -6.08 -8.74 -24.35
CA ASP D 44 -7.43 -8.41 -23.88
C ASP D 44 -7.51 -6.96 -23.40
N GLU D 45 -8.36 -6.19 -24.09
CA GLU D 45 -8.52 -4.76 -23.91
C GLU D 45 -9.21 -4.32 -22.61
N ARG D 46 -9.91 -5.21 -21.89
CA ARG D 46 -10.56 -4.77 -20.63
C ARG D 46 -9.49 -4.47 -19.60
N PRO D 47 -9.73 -3.49 -18.72
CA PRO D 47 -8.75 -3.20 -17.67
C PRO D 47 -8.51 -4.43 -16.77
N ILE D 48 -7.30 -4.51 -16.20
CA ILE D 48 -6.98 -5.60 -15.27
C ILE D 48 -7.90 -5.59 -14.05
N SER D 49 -8.39 -4.40 -13.65
CA SER D 49 -9.30 -4.24 -12.51
C SER D 49 -10.64 -4.94 -12.70
N VAL D 50 -11.00 -5.33 -13.95
CA VAL D 50 -12.24 -6.06 -14.19
C VAL D 50 -11.99 -7.45 -14.85
N GLY D 51 -10.78 -8.00 -14.71
CA GLY D 51 -10.49 -9.33 -15.25
C GLY D 51 -9.87 -9.38 -16.64
N GLY D 52 -9.59 -8.21 -17.21
CA GLY D 52 -8.94 -8.16 -18.52
C GLY D 52 -7.44 -8.11 -18.37
N ASN D 53 -6.73 -7.63 -19.41
CA ASN D 53 -5.28 -7.58 -19.38
C ASN D 53 -4.68 -6.21 -19.62
N LYS D 54 -5.49 -5.18 -19.90
CA LYS D 54 -4.94 -3.85 -20.20
C LYS D 54 -4.53 -3.12 -18.96
N MET D 55 -3.28 -2.70 -18.91
CA MET D 55 -2.73 -1.97 -17.77
C MET D 55 -2.63 -0.48 -18.01
N GLY D 56 -2.29 -0.10 -19.23
CA GLY D 56 -2.13 1.31 -19.57
C GLY D 56 -1.69 1.50 -21.00
N GLU D 57 -1.44 2.74 -21.37
CA GLU D 57 -1.04 3.03 -22.75
C GLU D 57 -0.29 4.34 -22.89
N GLY D 58 0.40 4.47 -24.00
CA GLY D 58 1.11 5.68 -24.36
C GLY D 58 0.85 6.03 -25.81
N GLY D 59 1.61 7.00 -26.32
CA GLY D 59 1.49 7.39 -27.73
C GLY D 59 2.02 6.33 -28.67
N PHE D 60 2.90 5.44 -28.19
CA PHE D 60 3.51 4.43 -29.04
C PHE D 60 3.15 2.98 -28.74
N GLY D 61 2.19 2.74 -27.85
CA GLY D 61 1.82 1.37 -27.53
C GLY D 61 0.88 1.16 -26.37
N VAL D 62 0.40 -0.07 -26.22
CA VAL D 62 -0.51 -0.42 -25.12
C VAL D 62 0.17 -1.51 -24.26
N VAL D 63 0.06 -1.39 -22.93
CA VAL D 63 0.68 -2.29 -21.97
C VAL D 63 -0.37 -3.27 -21.43
N TYR D 64 -0.05 -4.56 -21.52
CA TYR D 64 -0.88 -5.67 -21.11
C TYR D 64 -0.19 -6.56 -20.06
N LYS D 65 -0.96 -7.10 -19.12
CA LYS D 65 -0.44 -8.01 -18.11
C LYS D 65 -0.48 -9.42 -18.66
N GLY D 66 0.48 -10.24 -18.26
CA GLY D 66 0.52 -11.64 -18.64
C GLY D 66 1.31 -12.46 -17.64
N TYR D 67 1.36 -13.77 -17.88
CA TYR D 67 2.10 -14.67 -17.02
C TYR D 67 2.90 -15.58 -17.92
N VAL D 68 4.23 -15.63 -17.72
CA VAL D 68 5.14 -16.50 -18.45
C VAL D 68 5.95 -17.32 -17.43
N ASN D 69 5.84 -18.66 -17.39
CA ASN D 69 6.66 -19.47 -16.48
C ASN D 69 6.54 -19.01 -14.98
N ASN D 70 5.29 -18.77 -14.51
CA ASN D 70 4.94 -18.29 -13.17
C ASN D 70 5.36 -16.83 -12.89
N THR D 71 6.01 -16.17 -13.86
CA THR D 71 6.43 -14.79 -13.71
C THR D 71 5.33 -13.87 -14.24
N THR D 72 4.94 -12.86 -13.46
CA THR D 72 3.99 -11.87 -13.93
C THR D 72 4.81 -10.91 -14.78
N VAL D 73 4.34 -10.57 -15.98
CA VAL D 73 5.09 -9.66 -16.86
C VAL D 73 4.15 -8.56 -17.37
N ALA D 74 4.75 -7.51 -17.94
CA ALA D 74 4.01 -6.47 -18.61
C ALA D 74 4.50 -6.53 -20.04
N VAL D 75 3.58 -6.64 -20.99
CA VAL D 75 3.89 -6.71 -22.41
C VAL D 75 3.41 -5.41 -23.07
N LYS D 76 4.35 -4.63 -23.58
CA LYS D 76 3.99 -3.44 -24.32
C LYS D 76 3.96 -3.81 -25.81
N LYS D 77 2.78 -3.73 -26.42
CA LYS D 77 2.63 -4.00 -27.85
C LYS D 77 2.67 -2.66 -28.55
N LEU D 78 3.72 -2.41 -29.34
CA LEU D 78 3.92 -1.14 -30.03
C LEU D 78 2.88 -0.80 -31.09
N ALA D 79 2.41 -1.76 -31.89
CA ALA D 79 1.42 -1.44 -32.94
C ALA D 79 0.16 -0.71 -32.47
N THR D 85 4.75 6.32 -37.98
CA THR D 85 5.50 5.66 -39.05
C THR D 85 6.14 4.36 -38.55
N THR D 86 6.02 3.27 -39.34
CA THR D 86 6.55 1.94 -39.04
C THR D 86 8.06 1.94 -38.78
N GLU D 87 8.82 2.69 -39.58
CA GLU D 87 10.27 2.76 -39.45
C GLU D 87 10.75 3.42 -38.16
N GLU D 88 10.18 4.59 -37.79
CA GLU D 88 10.58 5.23 -36.54
C GLU D 88 10.06 4.44 -35.32
N LEU D 89 8.99 3.63 -35.49
CA LEU D 89 8.52 2.75 -34.41
C LEU D 89 9.53 1.62 -34.19
N LYS D 90 10.09 1.07 -35.29
CA LYS D 90 11.12 0.04 -35.23
C LYS D 90 12.42 0.61 -34.63
N GLN D 91 12.75 1.87 -34.96
CA GLN D 91 13.92 2.54 -34.41
C GLN D 91 13.78 2.72 -32.90
N GLN D 92 12.58 3.06 -32.44
CA GLN D 92 12.32 3.23 -31.01
C GLN D 92 12.38 1.91 -30.27
N PHE D 93 11.95 0.82 -30.92
CA PHE D 93 12.00 -0.54 -30.38
C PHE D 93 13.48 -0.91 -30.18
N ASP D 94 14.30 -0.70 -31.22
CA ASP D 94 15.73 -1.01 -31.17
C ASP D 94 16.45 -0.15 -30.14
N GLN D 95 16.08 1.13 -30.06
CA GLN D 95 16.69 2.06 -29.12
C GLN D 95 16.38 1.68 -27.69
N GLU D 96 15.13 1.29 -27.40
CA GLU D 96 14.75 0.85 -26.05
C GLU D 96 15.61 -0.36 -25.61
N ILE D 97 15.77 -1.34 -26.50
CA ILE D 97 16.57 -2.54 -26.22
C ILE D 97 18.03 -2.17 -25.96
N LYS D 98 18.59 -1.31 -26.81
CA LYS D 98 19.97 -0.84 -26.71
C LYS D 98 20.21 -0.10 -25.38
N VAL D 99 19.31 0.79 -24.99
CA VAL D 99 19.46 1.54 -23.74
C VAL D 99 19.30 0.61 -22.53
N MET D 100 18.32 -0.31 -22.58
CA MET D 100 18.10 -1.26 -21.50
C MET D 100 19.27 -2.25 -21.32
N ALA D 101 19.98 -2.53 -22.41
CA ALA D 101 21.15 -3.43 -22.32
C ALA D 101 22.32 -2.72 -21.60
N LYS D 102 22.43 -1.40 -21.73
CA LYS D 102 23.51 -0.63 -21.13
C LYS D 102 23.18 -0.15 -19.71
N CYS D 103 21.90 0.15 -19.46
CA CYS D 103 21.45 0.76 -18.22
C CYS D 103 20.61 -0.15 -17.34
N GLN D 104 21.18 -0.63 -16.25
CA GLN D 104 20.47 -1.44 -15.26
C GLN D 104 20.65 -0.76 -13.91
N HIS D 105 19.55 -0.43 -13.25
CA HIS D 105 19.58 0.28 -11.96
C HIS D 105 18.23 0.06 -11.28
N GLU D 106 18.20 0.05 -9.95
CA GLU D 106 16.95 -0.16 -9.21
C GLU D 106 15.88 0.89 -9.47
N ASN D 107 16.24 2.07 -9.96
CA ASN D 107 15.22 3.08 -10.29
C ASN D 107 14.95 3.17 -11.80
N LEU D 108 15.25 2.10 -12.55
CA LEU D 108 14.91 1.98 -13.96
C LEU D 108 14.14 0.67 -14.12
N VAL D 109 13.02 0.67 -14.87
CA VAL D 109 12.26 -0.56 -15.06
C VAL D 109 13.12 -1.59 -15.84
N GLU D 110 13.00 -2.87 -15.48
CA GLU D 110 13.82 -3.91 -16.11
C GLU D 110 13.12 -4.57 -17.30
N LEU D 111 13.81 -4.62 -18.43
CA LEU D 111 13.31 -5.29 -19.62
C LEU D 111 13.73 -6.77 -19.51
N LEU D 112 12.79 -7.70 -19.70
CA LEU D 112 13.04 -9.14 -19.65
C LEU D 112 13.26 -9.73 -21.04
N GLY D 113 12.56 -9.19 -22.02
CA GLY D 113 12.66 -9.70 -23.37
C GLY D 113 11.89 -8.89 -24.37
N PHE D 114 11.75 -9.44 -25.57
CA PHE D 114 11.11 -8.76 -26.67
C PHE D 114 10.59 -9.78 -27.69
N SER D 115 9.74 -9.31 -28.59
CA SER D 115 9.24 -10.11 -29.68
C SER D 115 9.34 -9.27 -30.93
N SER D 116 9.92 -9.84 -31.98
CA SER D 116 10.13 -9.15 -33.23
C SER D 116 9.63 -9.89 -34.46
N ASP D 117 9.27 -11.20 -34.33
CA ASP D 117 8.82 -12.02 -35.46
C ASP D 117 7.55 -11.46 -36.09
N GLY D 118 7.65 -11.27 -37.41
CA GLY D 118 6.70 -10.66 -38.35
C GLY D 118 5.21 -10.55 -38.07
N ASP D 119 4.81 -9.73 -37.05
CA ASP D 119 3.41 -9.46 -36.67
C ASP D 119 3.25 -8.06 -36.00
N ASP D 120 3.58 -7.92 -34.69
CA ASP D 120 3.59 -6.67 -33.94
C ASP D 120 4.84 -6.67 -33.04
N LEU D 121 5.49 -5.51 -32.88
CA LEU D 121 6.68 -5.44 -32.02
C LEU D 121 6.22 -5.44 -30.55
N CYS D 122 6.85 -6.25 -29.69
CA CYS D 122 6.48 -6.29 -28.26
C CYS D 122 7.71 -6.17 -27.40
N LEU D 123 7.61 -5.45 -26.29
CA LEU D 123 8.65 -5.37 -25.29
C LEU D 123 8.06 -5.94 -23.99
N VAL D 124 8.80 -6.83 -23.30
CA VAL D 124 8.34 -7.54 -22.10
C VAL D 124 9.16 -7.09 -20.90
N TYR D 125 8.49 -6.63 -19.85
CA TYR D 125 9.10 -6.06 -18.66
C TYR D 125 8.72 -6.79 -17.40
N VAL D 126 9.51 -6.55 -16.34
CA VAL D 126 9.18 -6.99 -15.00
C VAL D 126 7.88 -6.25 -14.60
N TYR D 127 6.91 -6.97 -14.01
CA TYR D 127 5.63 -6.38 -13.65
C TYR D 127 5.77 -5.43 -12.46
N MET D 128 5.13 -4.23 -12.54
CA MET D 128 5.08 -3.19 -11.55
C MET D 128 3.69 -3.20 -10.94
N PRO D 129 3.52 -3.86 -9.78
CA PRO D 129 2.19 -4.00 -9.18
C PRO D 129 1.45 -2.71 -8.90
N ASN D 130 2.18 -1.59 -8.68
CA ASN D 130 1.47 -0.32 -8.41
C ASN D 130 1.38 0.61 -9.64
N GLY D 131 1.56 0.07 -10.85
CA GLY D 131 1.36 0.82 -12.09
C GLY D 131 2.19 2.08 -12.23
N SER D 132 1.61 3.13 -12.78
CA SER D 132 2.36 4.37 -13.00
C SER D 132 2.07 5.40 -11.93
N LEU D 133 2.99 6.33 -11.75
CA LEU D 133 2.81 7.43 -10.81
C LEU D 133 1.61 8.30 -11.26
N LEU D 134 1.38 8.45 -12.59
CA LEU D 134 0.22 9.20 -13.10
C LEU D 134 -1.08 8.56 -12.57
N ASP D 135 -1.19 7.22 -12.69
CA ASP D 135 -2.38 6.52 -12.24
C ASP D 135 -2.54 6.57 -10.73
N ARG D 136 -1.46 6.50 -9.94
CA ARG D 136 -1.59 6.56 -8.49
C ARG D 136 -1.94 7.95 -8.01
N LEU D 137 -1.42 8.98 -8.68
CA LEU D 137 -1.76 10.36 -8.31
C LEU D 137 -3.23 10.62 -8.61
N SER D 138 -3.78 10.03 -9.70
CA SER D 138 -5.19 10.22 -10.00
C SER D 138 -6.10 9.23 -9.26
N CYS D 139 -5.52 8.28 -8.49
CA CYS D 139 -6.24 7.24 -7.75
C CYS D 139 -7.09 6.39 -8.67
N LEU D 140 -6.60 6.17 -9.90
CA LEU D 140 -7.28 5.35 -10.91
C LEU D 140 -7.60 3.96 -10.35
N ASP D 141 -8.82 3.46 -10.63
CA ASP D 141 -9.28 2.15 -10.15
C ASP D 141 -9.51 2.06 -8.63
N GLY D 142 -9.57 3.19 -7.95
CA GLY D 142 -9.89 3.22 -6.54
C GLY D 142 -8.75 2.99 -5.58
N THR D 143 -7.51 3.16 -6.04
CA THR D 143 -6.36 2.97 -5.17
C THR D 143 -6.31 4.13 -4.16
N PRO D 144 -5.85 3.85 -2.93
CA PRO D 144 -5.80 4.95 -1.94
C PRO D 144 -4.79 6.02 -2.34
N PRO D 145 -5.06 7.28 -2.00
CA PRO D 145 -4.09 8.35 -2.32
C PRO D 145 -2.72 8.08 -1.70
N LEU D 146 -1.65 8.49 -2.38
CA LEU D 146 -0.29 8.36 -1.87
C LEU D 146 -0.11 9.36 -0.74
N SER D 147 0.52 8.94 0.35
CA SER D 147 0.83 9.87 1.45
C SER D 147 1.96 10.81 1.00
N TRP D 148 2.15 11.91 1.72
CA TRP D 148 3.25 12.83 1.43
C TRP D 148 4.60 12.11 1.66
N HIS D 149 4.68 11.24 2.68
CA HIS D 149 5.87 10.46 2.96
C HIS D 149 6.22 9.58 1.74
N MET D 150 5.24 8.88 1.16
CA MET D 150 5.49 8.05 -0.03
C MET D 150 5.89 8.93 -1.24
N ARG D 151 5.22 10.07 -1.43
CA ARG D 151 5.53 11.00 -2.53
C ARG D 151 6.98 11.48 -2.47
N CYS D 152 7.49 11.76 -1.26
CA CYS D 152 8.88 12.19 -1.10
C CYS D 152 9.85 11.07 -1.53
N LYS D 153 9.56 9.83 -1.12
CA LYS D 153 10.41 8.69 -1.50
C LYS D 153 10.37 8.44 -2.99
N ILE D 154 9.20 8.64 -3.62
CA ILE D 154 9.07 8.45 -5.07
C ILE D 154 9.86 9.51 -5.81
N ALA D 155 9.80 10.78 -5.35
CA ALA D 155 10.53 11.86 -6.01
C ALA D 155 12.04 11.60 -5.92
N GLN D 156 12.51 11.12 -4.75
CA GLN D 156 13.92 10.78 -4.54
C GLN D 156 14.35 9.62 -5.46
N GLY D 157 13.54 8.57 -5.53
CA GLY D 157 13.84 7.43 -6.38
C GLY D 157 13.88 7.79 -7.85
N ALA D 158 12.91 8.58 -8.32
CA ALA D 158 12.88 9.03 -9.72
C ALA D 158 14.10 9.89 -10.04
N ALA D 159 14.54 10.75 -9.11
CA ALA D 159 15.72 11.57 -9.32
C ALA D 159 16.99 10.68 -9.36
N ASN D 160 17.04 9.61 -8.55
CA ASN D 160 18.17 8.67 -8.56
C ASN D 160 18.24 7.94 -9.93
N GLY D 161 17.09 7.63 -10.51
CA GLY D 161 17.04 6.98 -11.82
C GLY D 161 17.51 7.89 -12.94
N ILE D 162 17.07 9.17 -12.92
CA ILE D 162 17.49 10.17 -13.91
C ILE D 162 18.98 10.42 -13.76
N ASN D 163 19.49 10.46 -12.51
CA ASN D 163 20.90 10.64 -12.25
C ASN D 163 21.72 9.51 -12.87
N PHE D 164 21.25 8.24 -12.73
CA PHE D 164 21.95 7.10 -13.33
C PHE D 164 22.02 7.25 -14.86
N LEU D 165 20.92 7.68 -15.47
CA LEU D 165 20.86 7.89 -16.92
C LEU D 165 21.83 8.99 -17.35
N HIS D 166 21.83 10.14 -16.67
CA HIS D 166 22.73 11.25 -17.01
C HIS D 166 24.21 10.90 -16.75
N GLU D 167 24.49 10.10 -15.71
CA GLU D 167 25.87 9.63 -15.43
C GLU D 167 26.35 8.71 -16.55
N ASN D 168 25.44 7.91 -17.12
CA ASN D 168 25.74 7.03 -18.23
C ASN D 168 25.53 7.69 -19.61
N HIS D 169 25.52 9.03 -19.65
CA HIS D 169 25.43 9.89 -20.82
C HIS D 169 24.21 9.65 -21.70
N HIS D 170 23.05 9.46 -21.07
CA HIS D 170 21.81 9.30 -21.80
C HIS D 170 20.84 10.41 -21.42
N ILE D 171 20.09 10.89 -22.39
CA ILE D 171 19.04 11.88 -22.21
C ILE D 171 17.73 11.10 -22.45
N HIS D 172 16.81 11.10 -21.50
CA HIS D 172 15.56 10.35 -21.62
C HIS D 172 14.62 10.90 -22.69
N ARG D 173 14.38 12.24 -22.66
CA ARG D 173 13.55 13.02 -23.60
C ARG D 173 12.02 12.88 -23.40
N ASP D 174 11.60 12.07 -22.42
CA ASP D 174 10.17 11.89 -22.17
C ASP D 174 9.88 11.65 -20.69
N ILE D 175 10.51 12.44 -19.81
CA ILE D 175 10.26 12.30 -18.38
C ILE D 175 8.86 12.83 -18.09
N LYS D 176 8.03 12.02 -17.46
CA LYS D 176 6.66 12.35 -17.12
C LYS D 176 6.14 11.32 -16.12
N SER D 177 5.05 11.64 -15.42
CA SER D 177 4.49 10.72 -14.43
C SER D 177 4.01 9.37 -15.01
N ALA D 178 3.56 9.32 -16.26
CA ALA D 178 3.17 8.06 -16.90
C ALA D 178 4.43 7.15 -17.17
N ASN D 179 5.66 7.76 -17.16
CA ASN D 179 6.93 7.06 -17.34
C ASN D 179 7.69 6.90 -16.03
N ILE D 180 6.97 6.90 -14.89
CA ILE D 180 7.58 6.60 -13.61
C ILE D 180 6.68 5.52 -13.05
N LEU D 181 7.18 4.29 -13.00
CA LEU D 181 6.43 3.14 -12.55
C LEU D 181 6.70 2.82 -11.10
N LEU D 182 5.81 2.09 -10.44
CA LEU D 182 5.91 1.86 -9.01
C LEU D 182 5.80 0.37 -8.69
N ASP D 183 6.82 -0.18 -8.04
CA ASP D 183 6.81 -1.59 -7.71
C ASP D 183 5.96 -1.83 -6.42
N GLU D 184 5.97 -3.05 -5.88
CA GLU D 184 5.19 -3.37 -4.68
C GLU D 184 5.56 -2.52 -3.44
N ALA D 185 6.81 -2.03 -3.35
CA ALA D 185 7.19 -1.14 -2.24
C ALA D 185 7.10 0.34 -2.60
N PHE D 186 6.47 0.68 -3.73
CA PHE D 186 6.38 2.03 -4.29
C PHE D 186 7.75 2.61 -4.63
N THR D 187 8.70 1.74 -5.02
CA THR D 187 10.00 2.19 -5.49
C THR D 187 9.78 2.72 -6.91
N ALA D 188 10.29 3.91 -7.21
CA ALA D 188 10.12 4.54 -8.52
C ALA D 188 11.03 3.90 -9.58
N LYS D 189 10.48 3.62 -10.76
CA LYS D 189 11.21 2.99 -11.87
C LYS D 189 10.92 3.81 -13.11
N ILE D 190 11.93 4.51 -13.65
CA ILE D 190 11.77 5.26 -14.88
C ILE D 190 11.56 4.27 -16.02
N SER D 191 10.62 4.58 -16.92
CA SER D 191 10.34 3.70 -18.04
C SER D 191 10.32 4.46 -19.37
N ASP D 192 10.17 3.72 -20.47
CA ASP D 192 10.05 4.18 -21.86
C ASP D 192 11.31 4.89 -22.34
N PHE D 193 12.27 4.09 -22.82
CA PHE D 193 13.55 4.56 -23.34
C PHE D 193 13.62 4.59 -24.87
N GLY D 194 12.49 4.51 -25.54
CA GLY D 194 12.43 4.51 -27.00
C GLY D 194 12.92 5.79 -27.64
N LEU D 195 12.80 6.91 -26.92
CA LEU D 195 13.26 8.21 -27.39
C LEU D 195 14.63 8.61 -26.80
N ALA D 196 15.22 7.79 -25.90
CA ALA D 196 16.48 8.14 -25.25
C ALA D 196 17.61 8.34 -26.24
N ARG D 197 18.48 9.31 -25.98
CA ARG D 197 19.62 9.61 -26.84
C ARG D 197 20.92 9.60 -26.07
N ALA D 198 21.97 8.98 -26.62
CA ALA D 198 23.28 9.01 -25.99
C ALA D 198 23.97 10.32 -26.37
N SER D 199 24.65 10.95 -25.42
CA SER D 199 25.39 12.19 -25.62
C SER D 199 26.85 12.00 -25.20
N GLU D 200 27.78 12.77 -25.78
CA GLU D 200 29.19 12.65 -25.42
C GLU D 200 29.50 13.36 -24.10
N VAL D 206 22.84 19.53 -29.09
CA VAL D 206 22.65 19.28 -30.53
C VAL D 206 21.16 19.45 -30.88
N MET D 207 20.83 19.51 -32.17
CA MET D 207 19.44 19.64 -32.60
C MET D 207 18.94 18.46 -33.38
N ARG D 210 13.25 15.91 -35.83
CA ARG D 210 12.03 15.22 -35.44
C ARG D 210 11.79 15.53 -33.96
N ILE D 211 10.98 16.54 -33.70
CA ILE D 211 10.66 16.97 -32.34
C ILE D 211 9.72 16.01 -31.68
N VAL D 212 10.19 15.34 -30.62
CA VAL D 212 9.40 14.35 -29.91
C VAL D 212 9.34 14.64 -28.41
N GLY D 213 8.35 14.07 -27.77
CA GLY D 213 8.10 14.23 -26.34
C GLY D 213 6.65 14.55 -26.07
N THR D 214 6.35 14.85 -24.82
CA THR D 214 4.99 15.18 -24.39
C THR D 214 4.94 16.67 -24.10
N THR D 215 4.20 17.43 -24.92
CA THR D 215 4.12 18.89 -24.87
C THR D 215 4.00 19.51 -23.47
N ALA D 216 3.09 18.97 -22.63
CA ALA D 216 2.84 19.51 -21.29
C ALA D 216 4.03 19.42 -20.32
N TYR D 217 5.01 18.57 -20.63
CA TYR D 217 6.20 18.41 -19.81
C TYR D 217 7.47 18.98 -20.46
N MET D 218 7.39 19.42 -21.71
CA MET D 218 8.58 19.83 -22.44
C MET D 218 9.11 21.20 -22.12
N ALA D 219 10.43 21.27 -21.99
CA ALA D 219 11.18 22.52 -21.83
C ALA D 219 11.05 23.33 -23.12
N PRO D 220 11.15 24.67 -23.05
CA PRO D 220 11.08 25.46 -24.29
C PRO D 220 12.09 25.05 -25.36
N GLU D 221 13.34 24.77 -24.98
CA GLU D 221 14.37 24.40 -25.95
C GLU D 221 14.11 23.01 -26.56
N ALA D 222 13.44 22.10 -25.81
CA ALA D 222 13.09 20.79 -26.34
C ALA D 222 11.99 20.94 -27.41
N LEU D 223 11.02 21.88 -27.19
CA LEU D 223 9.98 22.20 -28.17
C LEU D 223 10.55 22.80 -29.46
N ARG D 224 11.79 23.34 -29.40
CA ARG D 224 12.46 23.89 -30.57
C ARG D 224 13.38 22.90 -31.28
N GLY D 225 13.53 21.69 -30.75
CA GLY D 225 14.39 20.69 -31.37
C GLY D 225 15.72 20.43 -30.68
N GLU D 226 16.02 21.15 -29.59
CA GLU D 226 17.29 20.93 -28.89
C GLU D 226 17.24 19.63 -28.10
N ILE D 227 18.38 18.94 -28.02
CA ILE D 227 18.52 17.71 -27.26
C ILE D 227 19.58 17.96 -26.22
N THR D 228 19.17 18.01 -24.95
CA THR D 228 20.06 18.30 -23.83
C THR D 228 19.52 17.66 -22.55
N PRO D 229 20.40 17.17 -21.66
CA PRO D 229 19.92 16.64 -20.38
C PRO D 229 19.20 17.70 -19.52
N LYS D 230 19.41 19.00 -19.80
CA LYS D 230 18.74 20.08 -19.08
C LYS D 230 17.21 20.06 -19.31
N SER D 231 16.76 19.50 -20.45
CA SER D 231 15.34 19.39 -20.73
C SER D 231 14.70 18.31 -19.83
N ASP D 232 15.45 17.22 -19.50
CA ASP D 232 14.94 16.20 -18.58
C ASP D 232 14.70 16.82 -17.20
N ILE D 233 15.55 17.79 -16.78
CA ILE D 233 15.38 18.46 -15.48
C ILE D 233 14.08 19.27 -15.47
N TYR D 234 13.81 19.99 -16.55
CA TYR D 234 12.56 20.76 -16.67
C TYR D 234 11.34 19.85 -16.57
N SER D 235 11.32 18.74 -17.32
CA SER D 235 10.21 17.79 -17.29
C SER D 235 10.05 17.21 -15.88
N PHE D 236 11.17 16.94 -15.19
CA PHE D 236 11.10 16.43 -13.81
C PHE D 236 10.43 17.46 -12.88
N GLY D 237 10.67 18.75 -13.12
CA GLY D 237 10.02 19.83 -12.37
C GLY D 237 8.51 19.78 -12.51
N VAL D 238 7.99 19.46 -13.72
CA VAL D 238 6.55 19.30 -13.92
C VAL D 238 6.04 18.11 -13.10
N VAL D 239 6.79 17.00 -13.09
CA VAL D 239 6.45 15.81 -12.29
C VAL D 239 6.36 16.16 -10.81
N LEU D 240 7.30 16.97 -10.31
CA LEU D 240 7.27 17.40 -8.91
C LEU D 240 6.00 18.21 -8.61
N LEU D 241 5.54 19.04 -9.57
CA LEU D 241 4.28 19.78 -9.38
C LEU D 241 3.10 18.83 -9.33
N GLU D 242 3.09 17.77 -10.17
CA GLU D 242 2.02 16.77 -10.12
C GLU D 242 2.02 16.06 -8.78
N ILE D 243 3.21 15.77 -8.23
CA ILE D 243 3.33 15.10 -6.93
C ILE D 243 2.74 15.97 -5.81
N ILE D 244 3.07 17.25 -5.81
CA ILE D 244 2.58 18.16 -4.78
C ILE D 244 1.04 18.38 -4.84
N THR D 245 0.53 18.59 -6.06
CA THR D 245 -0.86 18.99 -6.27
C THR D 245 -1.84 17.85 -6.54
N GLY D 246 -1.35 16.71 -7.01
CA GLY D 246 -2.19 15.62 -7.46
C GLY D 246 -2.90 15.91 -8.79
N LEU D 247 -2.51 17.00 -9.47
CA LEU D 247 -3.14 17.44 -10.70
C LEU D 247 -2.38 16.93 -11.92
N PRO D 248 -3.09 16.61 -13.00
CA PRO D 248 -2.40 16.21 -14.23
C PRO D 248 -1.68 17.41 -14.86
N ALA D 249 -0.57 17.16 -15.58
CA ALA D 249 0.22 18.21 -16.24
C ALA D 249 -0.61 19.05 -17.21
N VAL D 250 -1.62 18.45 -17.84
CA VAL D 250 -2.51 19.19 -18.74
C VAL D 250 -3.96 18.76 -18.50
N ASP D 251 -4.86 19.71 -18.50
CA ASP D 251 -6.28 19.44 -18.37
C ASP D 251 -6.94 20.54 -19.17
N GLU D 252 -7.51 20.17 -20.34
CA GLU D 252 -8.11 21.15 -21.23
C GLU D 252 -9.35 21.82 -20.65
N HIS D 253 -9.97 21.24 -19.61
CA HIS D 253 -11.13 21.85 -18.97
C HIS D 253 -10.77 22.51 -17.63
N ARG D 254 -9.51 22.93 -17.46
CA ARG D 254 -9.04 23.58 -16.26
C ARG D 254 -8.35 24.90 -16.62
N GLU D 255 -8.33 25.84 -15.68
CA GLU D 255 -7.63 27.10 -15.85
C GLU D 255 -6.68 27.17 -14.68
N PRO D 256 -5.34 27.10 -14.89
CA PRO D 256 -4.65 27.05 -16.18
C PRO D 256 -4.65 25.64 -16.77
N GLN D 257 -4.65 25.53 -18.10
CA GLN D 257 -4.68 24.21 -18.72
C GLN D 257 -3.39 23.45 -18.42
N LEU D 258 -2.24 24.16 -18.44
CA LEU D 258 -0.95 23.56 -18.20
C LEU D 258 -0.54 23.79 -16.77
N LEU D 259 -0.22 22.70 -16.06
CA LEU D 259 0.16 22.74 -14.66
C LEU D 259 1.34 23.63 -14.42
N LEU D 260 2.31 23.63 -15.36
CA LEU D 260 3.52 24.45 -15.24
C LEU D 260 3.23 25.94 -15.06
N ASP D 261 2.07 26.41 -15.52
CA ASP D 261 1.68 27.81 -15.35
C ASP D 261 1.43 28.21 -13.89
N ILE D 262 1.27 27.24 -12.96
CA ILE D 262 1.06 27.60 -11.55
C ILE D 262 2.33 28.22 -10.94
N LYS D 263 3.53 27.92 -11.50
CA LYS D 263 4.77 28.53 -11.05
C LYS D 263 4.68 30.07 -11.25
N GLU D 264 4.13 30.50 -12.38
CA GLU D 264 3.99 31.93 -12.67
C GLU D 264 2.93 32.57 -11.78
N GLU D 265 1.82 31.85 -11.52
CA GLU D 265 0.78 32.36 -10.62
C GLU D 265 1.31 32.56 -9.20
N ILE D 266 2.18 31.64 -8.74
CA ILE D 266 2.78 31.72 -7.42
C ILE D 266 3.86 32.82 -7.36
N GLU D 267 4.65 32.97 -8.42
CA GLU D 267 5.67 34.01 -8.51
C GLU D 267 5.08 35.42 -8.61
N ASP D 268 4.07 35.60 -9.46
CA ASP D 268 3.50 36.91 -9.71
C ASP D 268 2.17 37.11 -8.98
N GLU D 269 1.07 36.49 -9.47
CA GLU D 269 -0.24 36.61 -8.84
C GLU D 269 -0.23 36.30 -7.32
N GLU D 270 -1.34 36.55 -6.63
CA GLU D 270 -1.42 36.36 -5.19
C GLU D 270 -1.72 34.91 -4.80
N LYS D 271 -1.36 33.93 -5.67
CA LYS D 271 -1.59 32.50 -5.38
C LYS D 271 -0.39 31.91 -4.64
N THR D 272 -0.63 30.88 -3.80
CA THR D 272 0.45 30.25 -3.02
C THR D 272 0.50 28.75 -3.30
N ILE D 273 1.61 28.06 -2.95
CA ILE D 273 1.69 26.61 -3.14
C ILE D 273 0.63 25.90 -2.26
N GLU D 274 0.27 26.50 -1.09
CA GLU D 274 -0.76 25.98 -0.20
C GLU D 274 -2.12 25.91 -0.88
N ASP D 275 -2.43 26.85 -1.81
CA ASP D 275 -3.70 26.81 -2.54
C ASP D 275 -3.74 25.61 -3.52
N TYR D 276 -2.59 25.05 -3.89
CA TYR D 276 -2.52 23.97 -4.84
C TYR D 276 -2.18 22.61 -4.26
N ILE D 277 -1.75 22.53 -2.98
CA ILE D 277 -1.40 21.26 -2.35
C ILE D 277 -2.56 20.23 -2.46
N ASP D 278 -2.25 18.98 -2.81
CA ASP D 278 -3.25 17.92 -2.92
C ASP D 278 -3.98 17.76 -1.56
N LYS D 279 -5.29 17.91 -1.59
CA LYS D 279 -6.09 17.76 -0.37
C LYS D 279 -6.24 16.29 0.08
N LYS D 280 -5.86 15.33 -0.81
CA LYS D 280 -5.95 13.89 -0.56
C LYS D 280 -4.75 13.37 0.25
N MET D 281 -4.18 14.21 1.12
CA MET D 281 -3.08 13.81 2.00
C MET D 281 -3.39 14.37 3.38
N ASN D 282 -2.90 13.73 4.43
CA ASN D 282 -3.05 14.26 5.81
C ASN D 282 -1.69 14.50 6.50
N ASP D 283 -0.58 14.08 5.87
CA ASP D 283 0.76 14.15 6.48
C ASP D 283 1.72 15.10 5.79
N ALA D 284 1.22 16.04 4.99
CA ALA D 284 2.10 17.00 4.34
C ALA D 284 2.38 18.09 5.35
N ASP D 285 3.66 18.44 5.53
CA ASP D 285 4.02 19.55 6.41
C ASP D 285 4.50 20.69 5.49
N SER D 286 4.18 21.94 5.83
CA SER D 286 4.53 23.12 5.04
C SER D 286 5.99 23.20 4.66
N THR D 287 6.89 22.88 5.60
CA THR D 287 8.32 22.97 5.34
C THR D 287 8.80 22.07 4.20
N SER D 288 8.51 20.77 4.25
CA SER D 288 8.94 19.86 3.20
C SER D 288 8.19 20.08 1.89
N VAL D 289 6.92 20.56 1.94
CA VAL D 289 6.18 20.87 0.71
C VAL D 289 6.83 22.08 0.02
N GLU D 290 7.21 23.11 0.81
CA GLU D 290 7.88 24.29 0.27
C GLU D 290 9.28 23.92 -0.25
N ALA D 291 9.96 22.96 0.40
CA ALA D 291 11.26 22.49 -0.06
C ALA D 291 11.09 21.77 -1.42
N MET D 292 10.08 20.89 -1.57
CA MET D 292 9.87 20.23 -2.87
C MET D 292 9.45 21.25 -3.94
N TYR D 293 8.61 22.24 -3.57
CA TYR D 293 8.20 23.27 -4.52
C TYR D 293 9.41 24.09 -4.99
N SER D 294 10.33 24.41 -4.07
CA SER D 294 11.54 25.15 -4.41
C SER D 294 12.38 24.37 -5.43
N VAL D 295 12.49 23.06 -5.28
CA VAL D 295 13.21 22.22 -6.25
C VAL D 295 12.47 22.28 -7.61
N ALA D 296 11.15 22.12 -7.60
CA ALA D 296 10.35 22.16 -8.84
C ALA D 296 10.50 23.49 -9.56
N SER D 297 10.49 24.60 -8.81
CA SER D 297 10.63 25.94 -9.33
C SER D 297 11.99 26.13 -10.00
N GLN D 298 13.07 25.61 -9.39
CA GLN D 298 14.42 25.71 -9.95
C GLN D 298 14.53 24.90 -11.24
N CYS D 299 13.92 23.70 -11.25
CA CYS D 299 13.90 22.82 -12.42
C CYS D 299 13.17 23.50 -13.58
N LEU D 300 12.11 24.26 -13.28
CA LEU D 300 11.28 24.92 -14.28
C LEU D 300 11.77 26.27 -14.74
N HIS D 301 13.05 26.61 -14.49
CA HIS D 301 13.61 27.88 -14.98
C HIS D 301 13.56 27.85 -16.52
N GLU D 302 13.02 28.90 -17.12
CA GLU D 302 12.88 28.96 -18.57
C GLU D 302 14.23 28.90 -19.30
N LYS D 303 15.28 29.48 -18.71
CA LYS D 303 16.63 29.44 -19.27
C LYS D 303 17.31 28.14 -18.81
N LYS D 304 17.62 27.26 -19.76
CA LYS D 304 18.19 25.93 -19.49
C LYS D 304 19.46 25.95 -18.62
N ASN D 305 20.33 26.93 -18.83
CA ASN D 305 21.59 27.01 -18.08
C ASN D 305 21.41 27.46 -16.62
N LYS D 306 20.23 27.97 -16.26
CA LYS D 306 19.95 28.37 -14.87
C LYS D 306 19.32 27.23 -14.04
N ARG D 307 18.92 26.12 -14.68
CA ARG D 307 18.36 24.98 -13.96
C ARG D 307 19.49 24.23 -13.27
N PRO D 308 19.18 23.59 -12.13
CA PRO D 308 20.20 22.76 -11.48
C PRO D 308 20.45 21.48 -12.27
N ASP D 309 21.61 20.85 -12.11
CA ASP D 309 21.84 19.55 -12.75
C ASP D 309 21.15 18.48 -11.87
N ILE D 310 21.03 17.23 -12.36
CA ILE D 310 20.35 16.17 -11.61
C ILE D 310 21.01 15.87 -10.25
N LYS D 311 22.34 16.06 -10.14
CA LYS D 311 23.04 15.82 -8.88
C LYS D 311 22.56 16.82 -7.81
N LYS D 312 22.39 18.08 -8.21
CA LYS D 312 21.88 19.12 -7.31
C LYS D 312 20.43 18.82 -6.90
N VAL D 313 19.61 18.32 -7.85
CA VAL D 313 18.22 17.97 -7.59
C VAL D 313 18.16 16.84 -6.54
N GLN D 314 18.99 15.80 -6.73
CA GLN D 314 19.10 14.67 -5.80
C GLN D 314 19.42 15.17 -4.40
N GLN D 315 20.40 16.06 -4.29
CA GLN D 315 20.87 16.61 -3.05
C GLN D 315 19.77 17.39 -2.36
N LEU D 316 19.07 18.26 -3.11
CA LEU D 316 17.98 19.04 -2.53
C LEU D 316 16.83 18.14 -2.05
N LEU D 317 16.51 17.08 -2.81
CA LEU D 317 15.44 16.14 -2.42
C LEU D 317 15.84 15.31 -1.19
N GLN D 318 17.14 15.00 -1.02
CA GLN D 318 17.61 14.27 0.15
C GLN D 318 17.53 15.17 1.37
N GLU D 319 17.97 16.43 1.24
CA GLU D 319 17.91 17.41 2.33
C GLU D 319 16.47 17.70 2.79
N MET D 320 15.50 17.58 1.87
CA MET D 320 14.09 17.80 2.11
C MET D 320 13.56 16.86 3.21
N THR D 321 14.02 15.61 3.24
CA THR D 321 13.57 14.65 4.25
C THR D 321 14.57 14.35 5.36
N ALA D 322 15.75 14.99 5.34
CA ALA D 322 16.77 14.76 6.36
C ALA D 322 16.38 15.34 7.71
#